data_5LJ7
#
_entry.id   5LJ7
#
_cell.length_a   112.328
_cell.length_b   82.610
_cell.length_c   125.170
_cell.angle_alpha   90.00
_cell.angle_beta   93.54
_cell.angle_gamma   90.00
#
_symmetry.space_group_name_H-M   'P 1 21 1'
#
loop_
_entity.id
_entity.type
_entity.pdbx_description
1 polymer 'Macrolide export ATP-binding/permease protein MacB'
2 non-polymer "ADENOSINE-5'-TRIPHOSPHATE"
3 non-polymer 'MAGNESIUM ION'
4 water water
#
_entity_poly.entity_id   1
_entity_poly.type   'polypeptide(L)'
_entity_poly.pdbx_seq_one_letter_code
;MGSSHHHHHHSSGLVPRGSHMNIIEIKQLNRYFGEGENRVHVLKDISLSIERGDFVAIMGQSGSGKSTLMNIIGCLDTAT
GGSSKIDGKETIELTNDQLSDLRSQKFGFIFQRYNLLSSLTAAENVALPAIYAGMPQSQRLERAKQLLEKLGLGDKWQNK
PNQLSGGQQQRVSIARALMNGGEIILADQPTGALDSHSGENVMEILRQLHEEGHTIIMVTHDKHIAASANRIIEIKDGEI
ISDTQKRQVKSAVKNPSVFKGRFGFSKDQLMEAFRMSVSAIVAHKMRSLLTMLGIIIGITSVVSVVALGNGSQQKILENI
RGIGTNTMTIFNGNGFGDRRSRHIQNLKISDANTLSKQSYIQSVTPNTSSSGILVVGNKSFTSANLYGIGEQYFDVEGLK
LKQGRLLTEDDVDQSNQVVVLDESAKKAIFANENPLGKTVIFNKRPFRVIGVVSDQQLGGFPGNSLNLYSPYSTVLNKIT
GGSRIGSITVKISDDVNSTVAEKSLTELLKSLHGKKDFFIMNSDTIKQTIENTTGTMKLLISSIAFISLIVGGIGVMNIM
LVSVTERTKEIGVRMAIGARQINILQQFLIEAVLICLIGGVAGILLSVLIGVLFNSFITDFSMDFSTASIVTAVLFSTLI
GVLFGYMPAKKAAELNPITALAQE
;
_entity_poly.pdbx_strand_id   A,B
#
loop_
_chem_comp.id
_chem_comp.type
_chem_comp.name
_chem_comp.formula
ATP non-polymer ADENOSINE-5'-TRIPHOSPHATE 'C10 H16 N5 O13 P3'
MG non-polymer 'MAGNESIUM ION' 'Mg 2'
#
# COMPACT_ATOMS: atom_id res chain seq x y z
N MET A 21 45.45 32.83 19.55
CA MET A 21 44.47 33.75 20.21
C MET A 21 43.19 33.00 20.60
N ASN A 22 42.10 33.24 19.89
CA ASN A 22 40.81 32.66 20.24
C ASN A 22 40.48 31.49 19.31
N ILE A 23 39.97 30.41 19.90
CA ILE A 23 39.48 29.28 19.12
C ILE A 23 37.99 29.39 18.85
N ILE A 24 37.27 30.25 19.56
CA ILE A 24 35.83 30.43 19.38
C ILE A 24 35.54 31.92 19.53
N GLU A 25 35.09 32.56 18.45
CA GLU A 25 34.80 33.99 18.45
C GLU A 25 33.34 34.17 18.09
N ILE A 26 32.57 34.70 19.04
CA ILE A 26 31.13 34.87 18.91
C ILE A 26 30.80 36.32 19.21
N LYS A 27 30.28 37.04 18.22
CA LYS A 27 29.92 38.44 18.39
C LYS A 27 28.50 38.68 17.91
N GLN A 28 27.78 39.53 18.64
CA GLN A 28 26.44 39.98 18.27
C GLN A 28 25.48 38.82 18.05
N LEU A 29 25.83 37.63 18.52
CA LEU A 29 25.06 36.42 18.21
C LEU A 29 23.68 36.50 18.85
N ASN A 30 22.64 36.44 18.01
CA ASN A 30 21.25 36.38 18.46
C ASN A 30 20.63 35.08 17.98
N ARG A 31 19.46 34.77 18.56
CA ARG A 31 18.78 33.52 18.27
C ARG A 31 17.34 33.62 18.73
N TYR A 32 16.41 33.14 17.90
CA TYR A 32 14.99 33.14 18.22
C TYR A 32 14.40 31.77 17.93
N PHE A 33 13.19 31.56 18.43
CA PHE A 33 12.40 30.37 18.16
C PHE A 33 10.93 30.75 18.06
N GLY A 34 10.28 30.31 16.99
CA GLY A 34 8.83 30.33 16.92
C GLY A 34 8.29 31.39 15.97
N GLU A 35 6.98 31.64 16.10
CA GLU A 35 6.24 32.55 15.24
C GLU A 35 5.38 33.44 16.12
N GLY A 36 5.69 34.74 16.16
CA GLY A 36 4.96 35.65 17.00
C GLY A 36 3.46 35.49 16.77
N GLU A 37 2.65 35.36 17.81
CA GLU A 37 3.03 35.54 19.21
C GLU A 37 3.85 34.38 19.79
N ASN A 38 3.93 33.26 19.08
CA ASN A 38 4.67 32.09 19.58
C ASN A 38 6.19 32.25 19.45
N ARG A 39 6.69 33.45 19.22
CA ARG A 39 8.11 33.69 19.01
C ARG A 39 8.78 34.11 20.30
N VAL A 40 9.98 33.60 20.55
CA VAL A 40 10.73 33.88 21.76
C VAL A 40 12.15 34.31 21.39
N HIS A 41 12.68 35.26 22.14
CA HIS A 41 14.08 35.68 22.02
C HIS A 41 14.87 34.88 23.05
N VAL A 42 15.75 34.00 22.58
CA VAL A 42 16.40 33.03 23.45
C VAL A 42 17.86 33.36 23.74
N LEU A 43 18.59 33.92 22.79
CA LEU A 43 19.96 34.37 23.01
C LEU A 43 20.08 35.80 22.52
N LYS A 44 20.47 36.70 23.40
CA LYS A 44 20.32 38.14 23.18
C LYS A 44 21.69 38.80 23.13
N ASP A 45 22.12 39.17 21.93
CA ASP A 45 23.32 39.97 21.70
C ASP A 45 24.45 39.56 22.65
N ILE A 46 24.78 38.28 22.60
CA ILE A 46 25.84 37.72 23.45
C ILE A 46 27.13 37.69 22.63
N SER A 47 28.15 38.35 23.15
CA SER A 47 29.50 38.28 22.59
C SER A 47 30.39 37.52 23.57
N LEU A 48 31.13 36.55 23.07
CA LEU A 48 31.89 35.65 23.94
C LEU A 48 33.05 35.08 23.14
N SER A 49 34.27 35.45 23.51
CA SER A 49 35.48 34.92 22.89
C SER A 49 36.14 33.94 23.85
N ILE A 50 36.28 32.69 23.43
CA ILE A 50 36.86 31.63 24.23
C ILE A 50 38.29 31.38 23.74
N GLU A 51 39.23 31.30 24.67
CA GLU A 51 40.64 31.17 24.35
C GLU A 51 40.99 29.71 24.15
N ARG A 52 41.81 29.44 23.14
CA ARG A 52 42.15 28.05 22.80
C ARG A 52 42.78 27.34 23.98
N GLY A 53 42.31 26.12 24.26
CA GLY A 53 42.83 25.32 25.33
C GLY A 53 42.22 25.57 26.69
N ASP A 54 41.33 26.54 26.82
CA ASP A 54 40.76 26.88 28.11
C ASP A 54 39.87 25.74 28.63
N PHE A 55 39.35 25.93 29.84
CA PHE A 55 38.44 24.99 30.48
C PHE A 55 37.30 25.84 31.04
N VAL A 56 36.18 25.87 30.33
CA VAL A 56 35.10 26.81 30.61
C VAL A 56 33.91 26.04 31.18
N ALA A 57 33.26 26.63 32.19
CA ALA A 57 32.05 26.09 32.76
C ALA A 57 30.94 27.14 32.64
N ILE A 58 29.86 26.79 31.96
CA ILE A 58 28.72 27.68 31.80
C ILE A 58 27.62 27.24 32.76
N MET A 59 27.05 28.19 33.48
CA MET A 59 25.98 27.94 34.44
C MET A 59 24.83 28.89 34.16
N GLY A 60 23.70 28.61 34.78
CA GLY A 60 22.55 29.48 34.64
C GLY A 60 21.27 28.75 34.97
N GLN A 61 20.22 29.54 35.17
CA GLN A 61 18.92 28.98 35.47
C GLN A 61 18.46 28.08 34.33
N SER A 62 17.55 27.16 34.65
CA SER A 62 17.01 26.26 33.63
C SER A 62 16.32 27.06 32.55
N GLY A 63 16.63 26.74 31.29
CA GLY A 63 16.02 27.41 30.16
C GLY A 63 16.44 28.85 30.00
N SER A 64 17.73 29.15 30.20
CA SER A 64 18.27 30.48 29.96
C SER A 64 19.05 30.56 28.66
N GLY A 65 19.17 29.47 27.93
CA GLY A 65 19.84 29.45 26.66
C GLY A 65 21.20 28.78 26.63
N LYS A 66 21.50 27.91 27.60
CA LYS A 66 22.82 27.29 27.63
C LYS A 66 22.95 26.23 26.55
N SER A 67 22.00 25.28 26.51
CA SER A 67 22.04 24.24 25.48
C SER A 67 21.98 24.84 24.09
N THR A 68 21.23 25.93 23.92
CA THR A 68 21.16 26.60 22.63
C THR A 68 22.53 27.06 22.17
N LEU A 69 23.18 27.91 22.98
CA LEU A 69 24.54 28.35 22.66
C LEU A 69 25.45 27.15 22.38
N MET A 70 25.34 26.11 23.20
CA MET A 70 26.20 24.93 23.03
C MET A 70 26.00 24.31 21.65
N ASN A 71 24.75 24.22 21.19
CA ASN A 71 24.49 23.61 19.89
C ASN A 71 25.06 24.47 18.76
N ILE A 72 24.95 25.79 18.87
CA ILE A 72 25.48 26.68 17.84
C ILE A 72 26.99 26.50 17.73
N ILE A 73 27.69 26.43 18.87
CA ILE A 73 29.15 26.30 18.83
C ILE A 73 29.55 24.99 18.16
N GLY A 74 28.84 23.90 18.48
CA GLY A 74 29.15 22.60 17.91
C GLY A 74 28.66 22.37 16.51
N CYS A 75 28.06 23.39 15.89
CA CYS A 75 27.56 23.29 14.51
C CYS A 75 26.41 22.30 14.40
N LEU A 76 25.54 22.28 15.41
CA LEU A 76 24.29 21.52 15.35
C LEU A 76 23.08 22.41 15.14
N ASP A 77 23.19 23.70 15.42
CA ASP A 77 22.19 24.70 15.09
C ASP A 77 22.91 25.87 14.41
N THR A 78 22.15 26.88 14.00
CA THR A 78 22.73 28.05 13.36
C THR A 78 22.00 29.29 13.83
N ALA A 79 22.76 30.31 14.21
CA ALA A 79 22.19 31.49 14.84
C ALA A 79 21.37 32.31 13.86
N THR A 80 20.31 32.93 14.37
CA THR A 80 19.53 33.87 13.57
C THR A 80 20.39 34.98 13.02
N GLY A 81 21.23 35.57 13.88
CA GLY A 81 22.11 36.65 13.47
C GLY A 81 23.35 36.69 14.34
N GLY A 82 24.33 37.44 13.87
CA GLY A 82 25.61 37.53 14.54
C GLY A 82 26.59 36.46 14.09
N SER A 83 27.86 36.71 14.35
CA SER A 83 28.93 35.85 13.87
C SER A 83 29.26 34.75 14.87
N SER A 84 29.95 33.73 14.36
CA SER A 84 30.38 32.59 15.18
C SER A 84 31.48 31.89 14.39
N LYS A 85 32.72 31.98 14.87
CA LYS A 85 33.89 31.59 14.10
C LYS A 85 34.70 30.58 14.88
N ILE A 86 34.91 29.40 14.30
CA ILE A 86 35.78 28.37 14.86
C ILE A 86 37.13 28.49 14.16
N ASP A 87 38.18 28.69 14.94
CA ASP A 87 39.52 28.94 14.39
C ASP A 87 39.47 30.08 13.37
N GLY A 88 38.75 31.13 13.72
CA GLY A 88 38.67 32.31 12.88
C GLY A 88 37.80 32.16 11.64
N LYS A 89 37.49 30.92 11.26
CA LYS A 89 36.70 30.67 10.06
C LYS A 89 35.22 30.78 10.38
N GLU A 90 34.52 31.65 9.65
CA GLU A 90 33.08 31.78 9.86
C GLU A 90 32.38 30.46 9.58
N THR A 91 31.38 30.14 10.40
CA THR A 91 30.79 28.82 10.37
C THR A 91 29.73 28.68 9.27
N ILE A 92 28.79 29.63 9.20
CA ILE A 92 27.74 29.58 8.18
C ILE A 92 28.37 29.47 6.79
N GLU A 93 29.47 30.18 6.57
CA GLU A 93 30.14 30.19 5.27
C GLU A 93 30.87 28.89 4.97
N LEU A 94 30.81 27.89 5.83
CA LEU A 94 31.44 26.61 5.58
C LEU A 94 30.51 25.70 4.81
N THR A 95 31.10 24.74 4.09
CA THR A 95 30.33 23.82 3.28
C THR A 95 29.75 22.71 4.15
N ASN A 96 28.69 22.09 3.64
CA ASN A 96 27.99 21.04 4.39
C ASN A 96 28.87 19.84 4.67
N ASP A 97 29.97 19.67 3.92
CA ASP A 97 30.95 18.64 4.22
C ASP A 97 32.10 19.14 5.06
N GLN A 98 32.39 20.45 5.03
CA GLN A 98 33.38 21.01 5.93
C GLN A 98 32.88 21.01 7.37
N LEU A 99 31.58 21.25 7.56
CA LEU A 99 30.99 21.12 8.89
C LEU A 99 31.03 19.67 9.35
N SER A 100 30.49 18.76 8.52
CA SER A 100 30.53 17.33 8.86
C SER A 100 31.94 16.88 9.25
N ASP A 101 32.96 17.57 8.76
CA ASP A 101 34.32 17.29 9.21
C ASP A 101 34.55 17.79 10.63
N LEU A 102 34.13 19.03 10.90
CA LEU A 102 34.24 19.57 12.26
C LEU A 102 33.57 18.65 13.27
N ARG A 103 32.31 18.31 13.04
CA ARG A 103 31.58 17.47 13.98
C ARG A 103 32.26 16.13 14.23
N SER A 104 33.14 15.69 13.33
CA SER A 104 33.80 14.40 13.47
C SER A 104 35.19 14.51 14.09
N GLN A 105 35.84 15.66 13.98
CA GLN A 105 37.25 15.79 14.38
C GLN A 105 37.57 17.03 15.19
N LYS A 106 36.76 18.08 15.15
CA LYS A 106 36.97 19.26 15.99
C LYS A 106 36.16 19.21 17.28
N PHE A 107 34.94 18.68 17.22
CA PHE A 107 34.02 18.70 18.34
C PHE A 107 33.76 17.28 18.84
N GLY A 108 33.77 17.13 20.16
CA GLY A 108 33.25 15.94 20.82
C GLY A 108 32.08 16.35 21.68
N PHE A 109 30.88 15.85 21.37
CA PHE A 109 29.65 16.39 21.94
C PHE A 109 29.03 15.39 22.90
N ILE A 110 28.74 15.85 24.12
CA ILE A 110 28.02 15.07 25.12
C ILE A 110 26.63 15.68 25.23
N PHE A 111 25.63 14.91 24.81
CA PHE A 111 24.27 15.43 24.73
C PHE A 111 23.57 15.35 26.09
N GLN A 112 22.94 16.45 26.49
CA GLN A 112 22.19 16.47 27.75
C GLN A 112 21.30 15.23 27.85
N ARG A 113 20.36 15.09 26.92
CA ARG A 113 19.68 13.83 26.70
C ARG A 113 20.56 12.97 25.80
N TYR A 114 20.89 11.77 26.26
CA TYR A 114 22.13 11.11 25.83
C TYR A 114 22.13 10.72 24.36
N ASN A 115 20.97 10.51 23.75
CA ASN A 115 20.85 10.40 22.28
C ASN A 115 21.64 9.22 21.72
N LEU A 116 21.42 8.04 22.30
CA LEU A 116 22.04 6.83 21.78
C LEU A 116 21.12 6.13 20.79
N LEU A 117 21.72 5.34 19.91
CA LEU A 117 20.97 4.48 19.00
C LEU A 117 20.57 3.20 19.74
N SER A 118 19.26 3.01 19.91
CA SER A 118 18.78 1.94 20.78
C SER A 118 19.19 0.56 20.27
N SER A 119 19.34 0.39 18.96
CA SER A 119 19.61 -0.93 18.40
C SER A 119 21.09 -1.31 18.40
N LEU A 120 21.99 -0.40 18.77
CA LEU A 120 23.41 -0.70 18.81
C LEU A 120 23.85 -1.00 20.23
N THR A 121 24.79 -1.94 20.36
CA THR A 121 25.36 -2.26 21.66
C THR A 121 26.09 -1.03 22.21
N ALA A 122 26.45 -1.11 23.50
CA ALA A 122 27.20 -0.02 24.12
C ALA A 122 28.48 0.27 23.36
N ALA A 123 29.20 -0.79 22.96
CA ALA A 123 30.43 -0.60 22.20
C ALA A 123 30.16 -0.08 20.80
N GLU A 124 29.12 -0.61 20.14
CA GLU A 124 28.79 -0.15 18.79
C GLU A 124 28.45 1.34 18.79
N ASN A 125 27.74 1.81 19.81
CA ASN A 125 27.36 3.22 19.87
C ASN A 125 28.58 4.13 19.98
N VAL A 126 29.61 3.68 20.69
CA VAL A 126 30.78 4.53 20.92
C VAL A 126 31.69 4.56 19.71
N ALA A 127 31.78 3.46 18.96
CA ALA A 127 32.63 3.40 17.79
C ALA A 127 32.03 4.07 16.57
N LEU A 128 30.70 4.21 16.52
CA LEU A 128 29.97 4.78 15.39
C LEU A 128 30.71 5.99 14.80
N PRO A 129 30.98 7.04 15.57
CA PRO A 129 31.62 8.24 14.98
C PRO A 129 32.95 7.94 14.32
N ALA A 130 33.54 6.76 14.56
CA ALA A 130 34.78 6.39 13.89
C ALA A 130 34.55 5.77 12.52
N ILE A 131 33.33 5.32 12.22
CA ILE A 131 33.00 4.91 10.85
C ILE A 131 33.23 6.07 9.91
N TYR A 132 32.47 7.15 10.11
CA TYR A 132 32.52 8.31 9.24
C TYR A 132 33.85 9.04 9.33
N ALA A 133 34.73 8.64 10.23
CA ALA A 133 36.12 9.09 10.23
C ALA A 133 37.05 8.10 9.54
N GLY A 134 36.59 6.89 9.27
CA GLY A 134 37.33 5.93 8.47
C GLY A 134 38.41 5.20 9.23
N MET A 135 38.01 4.38 10.21
CA MET A 135 38.94 3.59 11.01
C MET A 135 38.60 2.11 10.91
N PRO A 136 39.60 1.23 10.81
CA PRO A 136 39.31 -0.20 10.69
C PRO A 136 38.43 -0.71 11.82
N GLN A 137 37.61 -1.71 11.50
CA GLN A 137 36.61 -2.20 12.44
C GLN A 137 37.24 -2.90 13.64
N SER A 138 38.38 -3.57 13.44
CA SER A 138 39.01 -4.28 14.55
C SER A 138 39.59 -3.31 15.57
N GLN A 139 40.03 -2.12 15.14
CA GLN A 139 40.56 -1.13 16.07
C GLN A 139 39.44 -0.37 16.77
N ARG A 140 38.31 -0.17 16.10
CA ARG A 140 37.21 0.59 16.71
C ARG A 140 36.71 -0.08 17.98
N LEU A 141 36.37 -1.38 17.89
CA LEU A 141 35.79 -2.07 19.03
C LEU A 141 36.75 -2.14 20.20
N GLU A 142 38.05 -2.26 19.93
CA GLU A 142 39.03 -2.36 21.02
C GLU A 142 39.19 -1.03 21.74
N ARG A 143 39.19 0.08 21.01
CA ARG A 143 39.24 1.39 21.65
C ARG A 143 37.92 1.71 22.34
N ALA A 144 36.81 1.47 21.65
CA ALA A 144 35.50 1.68 22.27
C ALA A 144 35.40 0.94 23.59
N LYS A 145 35.80 -0.33 23.60
CA LYS A 145 35.81 -1.10 24.85
C LYS A 145 36.69 -0.44 25.90
N GLN A 146 37.84 0.10 25.48
CA GLN A 146 38.74 0.75 26.43
C GLN A 146 38.12 2.01 27.00
N LEU A 147 37.58 2.88 26.15
CA LEU A 147 36.90 4.06 26.64
C LEU A 147 35.83 3.71 27.66
N LEU A 148 35.05 2.66 27.39
CA LEU A 148 34.06 2.20 28.36
C LEU A 148 34.74 1.79 29.67
N GLU A 149 35.89 1.13 29.58
CA GLU A 149 36.66 0.81 30.78
C GLU A 149 36.97 2.07 31.57
N LYS A 150 37.64 3.04 30.94
CA LYS A 150 37.96 4.29 31.60
C LYS A 150 36.73 4.96 32.24
N LEU A 151 35.53 4.56 31.83
CA LEU A 151 34.30 5.08 32.40
C LEU A 151 33.55 4.06 33.23
N GLY A 152 34.09 2.85 33.39
CA GLY A 152 33.50 1.86 34.25
C GLY A 152 32.40 1.02 33.64
N LEU A 153 32.25 1.04 32.32
CA LEU A 153 31.22 0.27 31.63
C LEU A 153 31.80 -0.88 30.82
N GLY A 154 33.06 -1.25 31.07
CA GLY A 154 33.63 -2.41 30.42
C GLY A 154 32.87 -3.69 30.70
N ASP A 155 32.09 -3.71 31.79
CA ASP A 155 31.26 -4.87 32.11
C ASP A 155 30.06 -4.99 31.19
N LYS A 156 29.66 -3.90 30.53
CA LYS A 156 28.39 -3.83 29.82
C LYS A 156 28.56 -3.48 28.34
N TRP A 157 29.73 -3.76 27.76
CA TRP A 157 30.01 -3.27 26.42
C TRP A 157 29.02 -3.84 25.40
N GLN A 158 28.42 -4.99 25.67
CA GLN A 158 27.43 -5.57 24.78
C GLN A 158 26.02 -5.07 25.04
N ASN A 159 25.79 -4.33 26.13
CA ASN A 159 24.43 -3.94 26.49
C ASN A 159 23.92 -2.86 25.55
N LYS A 160 22.65 -3.01 25.15
CA LYS A 160 21.99 -1.98 24.37
C LYS A 160 21.44 -0.90 25.31
N PRO A 161 21.34 0.35 24.84
CA PRO A 161 20.94 1.45 25.73
C PRO A 161 19.79 1.16 26.67
N ASN A 162 18.73 0.49 26.18
CA ASN A 162 17.62 0.17 27.08
C ASN A 162 17.95 -0.94 28.06
N GLN A 163 19.14 -1.53 27.97
CA GLN A 163 19.64 -2.46 28.97
C GLN A 163 20.62 -1.80 29.94
N LEU A 164 20.52 -0.48 30.09
CA LEU A 164 21.44 0.27 30.93
C LEU A 164 20.66 1.29 31.74
N SER A 165 21.20 1.64 32.90
CA SER A 165 20.63 2.70 33.70
C SER A 165 20.91 4.06 33.05
N GLY A 166 20.10 5.05 33.42
CA GLY A 166 20.34 6.40 32.92
C GLY A 166 21.79 6.82 33.01
N GLY A 167 22.37 6.69 34.20
CA GLY A 167 23.77 7.08 34.37
C GLY A 167 24.69 6.33 33.42
N GLN A 168 24.51 5.02 33.32
CA GLN A 168 25.34 4.24 32.41
C GLN A 168 25.19 4.75 30.98
N GLN A 169 23.96 4.97 30.54
CA GLN A 169 23.73 5.61 29.25
C GLN A 169 24.52 6.89 29.11
N GLN A 170 24.53 7.72 30.16
CA GLN A 170 25.27 8.98 30.11
C GLN A 170 26.75 8.73 29.88
N ARG A 171 27.31 7.69 30.50
CA ARG A 171 28.73 7.42 30.35
C ARG A 171 29.03 6.81 28.98
N VAL A 172 28.08 6.08 28.39
CA VAL A 172 28.25 5.63 27.01
C VAL A 172 28.33 6.83 26.08
N SER A 173 27.50 7.85 26.33
CA SER A 173 27.58 9.08 25.55
C SER A 173 28.96 9.72 25.69
N ILE A 174 29.37 9.99 26.94
CA ILE A 174 30.70 10.56 27.18
C ILE A 174 31.75 9.80 26.38
N ALA A 175 31.72 8.47 26.48
CA ALA A 175 32.68 7.65 25.74
C ALA A 175 32.66 7.98 24.26
N ARG A 176 31.48 8.03 23.66
CA ARG A 176 31.36 8.29 22.24
C ARG A 176 32.02 9.63 21.88
N ALA A 177 31.75 10.67 22.65
CA ALA A 177 32.29 11.99 22.34
C ALA A 177 33.82 11.97 22.32
N LEU A 178 34.44 11.13 23.14
CA LEU A 178 35.89 11.02 23.20
C LEU A 178 36.45 10.00 22.23
N MET A 179 35.62 9.48 21.31
CA MET A 179 36.08 8.42 20.41
C MET A 179 37.00 8.95 19.32
N ASN A 180 36.70 10.12 18.78
CA ASN A 180 37.51 10.71 17.71
C ASN A 180 38.55 11.69 18.23
N GLY A 181 38.72 11.79 19.54
CA GLY A 181 39.74 12.66 20.11
C GLY A 181 39.63 14.11 19.69
N GLY A 182 38.40 14.59 19.46
CA GLY A 182 38.20 15.96 19.04
C GLY A 182 38.88 16.98 19.92
N GLU A 183 39.31 18.10 19.33
CA GLU A 183 40.00 19.13 20.10
C GLU A 183 39.06 19.77 21.11
N ILE A 184 37.86 20.15 20.69
CA ILE A 184 36.88 20.76 21.58
C ILE A 184 35.93 19.68 22.06
N ILE A 185 35.57 19.74 23.34
CA ILE A 185 34.66 18.79 23.97
C ILE A 185 33.51 19.60 24.55
N LEU A 186 32.36 19.61 23.85
CA LEU A 186 31.19 20.34 24.29
C LEU A 186 30.35 19.42 25.16
N ALA A 187 30.49 19.58 26.47
CA ALA A 187 29.80 18.73 27.45
C ALA A 187 28.62 19.50 28.02
N ASP A 188 27.41 19.03 27.75
CA ASP A 188 26.18 19.64 28.25
C ASP A 188 25.70 18.81 29.43
N GLN A 189 25.98 19.29 30.64
CA GLN A 189 25.66 18.59 31.88
C GLN A 189 26.12 17.14 31.79
N PRO A 190 27.43 16.88 31.79
CA PRO A 190 27.92 15.51 31.62
C PRO A 190 27.77 14.63 32.85
N THR A 191 27.53 15.22 34.02
CA THR A 191 27.54 14.48 35.29
C THR A 191 26.18 14.53 35.99
N GLY A 192 25.11 14.84 35.27
CA GLY A 192 23.82 15.07 35.91
C GLY A 192 23.27 13.83 36.58
N ALA A 193 23.29 12.70 35.89
CA ALA A 193 22.72 11.46 36.39
C ALA A 193 23.76 10.56 37.04
N LEU A 194 24.89 11.12 37.47
CA LEU A 194 26.00 10.35 38.02
C LEU A 194 26.21 10.69 39.49
N ASP A 195 26.45 9.64 40.28
CA ASP A 195 26.93 9.84 41.63
C ASP A 195 28.23 10.65 41.61
N SER A 196 28.73 11.00 42.79
CA SER A 196 29.92 11.83 42.87
C SER A 196 31.17 11.05 42.44
N HIS A 197 31.23 9.77 42.80
CA HIS A 197 32.39 8.95 42.42
C HIS A 197 32.52 8.88 40.90
N SER A 198 31.51 8.29 40.23
CA SER A 198 31.51 8.26 38.77
C SER A 198 31.68 9.67 38.21
N GLY A 199 30.92 10.62 38.74
CA GLY A 199 31.02 12.00 38.25
C GLY A 199 32.42 12.55 38.33
N GLU A 200 33.10 12.32 39.45
CA GLU A 200 34.46 12.81 39.60
C GLU A 200 35.40 12.12 38.64
N ASN A 201 35.29 10.79 38.53
CA ASN A 201 36.07 10.06 37.54
C ASN A 201 35.93 10.69 36.16
N VAL A 202 34.70 11.02 35.77
CA VAL A 202 34.48 11.73 34.52
C VAL A 202 35.24 13.06 34.54
N MET A 203 35.19 13.77 35.67
CA MET A 203 35.93 15.01 35.78
C MET A 203 37.43 14.78 35.68
N GLU A 204 37.91 13.63 36.15
CA GLU A 204 39.32 13.29 36.00
C GLU A 204 39.69 13.12 34.53
N ILE A 205 38.80 12.49 33.75
CA ILE A 205 39.03 12.37 32.32
C ILE A 205 39.14 13.74 31.68
N LEU A 206 38.09 14.56 31.85
CA LEU A 206 38.10 15.90 31.25
C LEU A 206 39.31 16.71 31.69
N ARG A 207 39.67 16.64 32.98
CA ARG A 207 40.80 17.42 33.47
C ARG A 207 42.10 17.03 32.78
N GLN A 208 42.28 15.73 32.53
CA GLN A 208 43.52 15.29 31.88
C GLN A 208 43.55 15.72 30.42
N LEU A 209 42.45 15.52 29.69
CA LEU A 209 42.38 15.97 28.30
C LEU A 209 42.72 17.45 28.19
N HIS A 210 42.22 18.26 29.14
CA HIS A 210 42.60 19.66 29.18
C HIS A 210 44.11 19.81 29.26
N GLU A 211 44.74 19.07 30.18
CA GLU A 211 46.20 19.09 30.31
C GLU A 211 46.87 18.79 28.98
N GLU A 212 46.35 17.80 28.24
CA GLU A 212 46.91 17.39 26.97
C GLU A 212 46.56 18.34 25.83
N GLY A 213 46.01 19.52 26.12
CA GLY A 213 45.77 20.54 25.12
C GLY A 213 44.34 20.68 24.66
N HIS A 214 43.45 19.79 25.08
CA HIS A 214 42.06 19.89 24.67
C HIS A 214 41.39 21.11 25.28
N THR A 215 40.46 21.69 24.53
CA THR A 215 39.62 22.77 25.02
C THR A 215 38.30 22.20 25.52
N ILE A 216 37.83 22.72 26.64
CA ILE A 216 36.65 22.18 27.32
C ILE A 216 35.65 23.32 27.51
N ILE A 217 34.41 23.08 27.11
CA ILE A 217 33.29 23.97 27.44
C ILE A 217 32.20 23.10 28.03
N MET A 218 31.79 23.41 29.25
CA MET A 218 31.00 22.50 30.06
C MET A 218 29.83 23.24 30.67
N VAL A 219 28.62 22.75 30.45
CA VAL A 219 27.42 23.26 31.09
C VAL A 219 27.12 22.39 32.30
N THR A 220 26.86 23.01 33.44
CA THR A 220 26.58 22.25 34.65
C THR A 220 25.87 23.16 35.64
N HIS A 221 25.22 22.52 36.62
CA HIS A 221 24.66 23.21 37.77
C HIS A 221 25.40 22.91 39.06
N ASP A 222 26.10 21.77 39.14
CA ASP A 222 26.94 21.48 40.28
C ASP A 222 28.09 22.49 40.35
N LYS A 223 28.32 23.05 41.54
CA LYS A 223 29.39 24.02 41.70
C LYS A 223 30.75 23.34 41.88
N HIS A 224 30.78 22.21 42.58
CA HIS A 224 32.02 21.46 42.71
C HIS A 224 32.56 21.09 41.33
N ILE A 225 31.66 20.79 40.39
CA ILE A 225 32.07 20.56 39.01
C ILE A 225 32.58 21.84 38.38
N ALA A 226 31.88 22.95 38.60
CA ALA A 226 32.28 24.22 38.01
C ALA A 226 33.64 24.67 38.52
N ALA A 227 33.96 24.36 39.78
CA ALA A 227 35.24 24.77 40.34
C ALA A 227 36.41 24.25 39.51
N SER A 228 36.30 23.03 38.99
CA SER A 228 37.35 22.44 38.17
C SER A 228 37.52 23.13 36.83
N ALA A 229 36.97 24.32 36.68
CA ALA A 229 37.13 25.13 35.48
C ALA A 229 37.85 26.44 35.83
N ASN A 230 38.77 26.84 34.96
CA ASN A 230 39.42 28.13 35.11
C ASN A 230 38.45 29.27 34.83
N ARG A 231 37.58 29.10 33.84
CA ARG A 231 36.64 30.14 33.43
C ARG A 231 35.21 29.68 33.71
N ILE A 232 34.40 30.60 34.26
CA ILE A 232 33.03 30.28 34.64
C ILE A 232 32.12 31.41 34.18
N ILE A 233 31.18 31.08 33.29
CA ILE A 233 30.24 32.03 32.71
C ILE A 233 28.85 31.66 33.21
N GLU A 234 28.03 32.68 33.47
CA GLU A 234 26.66 32.47 33.96
C GLU A 234 25.71 33.23 33.05
N ILE A 235 24.77 32.49 32.46
CA ILE A 235 23.79 33.05 31.53
C ILE A 235 22.45 33.17 32.24
N LYS A 236 21.71 34.24 31.95
CA LYS A 236 20.37 34.43 32.49
C LYS A 236 19.54 35.18 31.46
N ASP A 237 18.38 34.61 31.11
CA ASP A 237 17.48 35.22 30.14
C ASP A 237 18.22 35.57 28.85
N GLY A 238 19.04 34.63 28.40
CA GLY A 238 19.72 34.73 27.12
C GLY A 238 20.92 35.66 27.08
N GLU A 239 21.22 36.35 28.18
CA GLU A 239 22.36 37.26 28.24
C GLU A 239 23.42 36.70 29.18
N ILE A 240 24.64 37.19 29.01
CA ILE A 240 25.78 36.77 29.82
C ILE A 240 25.93 37.74 30.98
N ILE A 241 25.84 37.21 32.21
CA ILE A 241 26.02 38.03 33.41
C ILE A 241 27.45 37.96 33.90
N SER A 242 27.96 36.75 34.11
CA SER A 242 29.23 36.53 34.79
C SER A 242 30.29 36.07 33.80
N ASP A 243 31.52 36.53 34.01
CA ASP A 243 32.67 36.05 33.22
C ASP A 243 33.89 36.18 34.12
N THR A 244 34.38 35.04 34.62
CA THR A 244 35.44 35.01 35.61
C THR A 244 36.53 34.05 35.16
N GLN A 245 37.77 34.49 35.21
CA GLN A 245 38.93 33.63 34.95
C GLN A 245 39.82 33.62 36.19
N LYS A 246 40.21 32.42 36.61
CA LYS A 246 41.11 32.28 37.75
C LYS A 246 42.55 32.61 37.33
N ARG A 247 43.14 31.77 36.50
CA ARG A 247 44.48 32.01 35.95
C ARG A 247 44.39 32.36 34.47
N GLN A 248 45.43 33.04 34.00
CA GLN A 248 45.56 33.29 32.57
C GLN A 248 45.76 31.96 31.84
N VAL A 249 45.30 31.92 30.60
CA VAL A 249 45.32 30.69 29.81
C VAL A 249 46.73 30.45 29.28
N LYS A 250 47.15 29.19 29.29
CA LYS A 250 48.43 28.83 28.70
C LYS A 250 48.44 29.19 27.21
N SER A 251 49.53 29.79 26.76
CA SER A 251 49.65 30.21 25.36
C SER A 251 49.29 29.04 24.43
N ALA A 252 48.70 29.39 23.29
CA ALA A 252 48.06 28.42 22.42
C ALA A 252 48.79 28.31 21.09
N VAL A 253 48.96 27.08 20.62
CA VAL A 253 49.51 26.79 19.30
C VAL A 253 48.38 26.26 18.44
N LYS A 254 48.08 26.97 17.36
CA LYS A 254 46.97 26.57 16.49
C LYS A 254 47.24 25.21 15.86
N ASN A 255 46.22 24.36 15.83
CA ASN A 255 46.35 23.00 15.33
C ASN A 255 46.11 22.95 13.83
N PRO A 256 46.50 21.86 13.18
CA PRO A 256 46.30 21.76 11.72
C PRO A 256 44.82 21.60 11.39
N SER A 257 44.46 22.06 10.19
CA SER A 257 43.10 21.92 9.72
C SER A 257 42.73 20.45 9.57
N VAL A 258 41.42 20.19 9.56
CA VAL A 258 40.92 18.85 9.31
C VAL A 258 39.73 18.94 8.35
N PHE A 259 40.01 18.85 7.06
CA PHE A 259 38.97 18.94 6.04
C PHE A 259 39.18 17.89 4.95
N SER A 266 35.77 5.38 -0.83
CA SER A 266 34.42 5.19 -1.34
C SER A 266 34.08 3.70 -1.40
N LYS A 267 35.04 2.88 -1.82
CA LYS A 267 34.83 1.43 -1.85
C LYS A 267 34.63 0.91 -0.43
N ASP A 268 35.60 1.16 0.45
CA ASP A 268 35.42 0.83 1.86
C ASP A 268 34.22 1.57 2.44
N GLN A 269 34.21 2.90 2.29
CA GLN A 269 33.10 3.74 2.72
C GLN A 269 31.76 3.09 2.43
N LEU A 270 31.62 2.49 1.25
CA LEU A 270 30.40 1.79 0.89
C LEU A 270 30.34 0.41 1.54
N MET A 271 31.47 -0.30 1.59
CA MET A 271 31.49 -1.62 2.22
C MET A 271 31.08 -1.53 3.69
N GLU A 272 31.34 -0.40 4.34
CA GLU A 272 30.87 -0.19 5.71
C GLU A 272 29.39 0.14 5.72
N ALA A 273 28.96 1.07 4.86
CA ALA A 273 27.55 1.45 4.81
C ALA A 273 26.66 0.24 4.54
N PHE A 274 27.13 -0.71 3.72
CA PHE A 274 26.40 -1.94 3.51
C PHE A 274 26.24 -2.69 4.82
N ARG A 275 27.33 -2.85 5.57
CA ARG A 275 27.26 -3.55 6.85
C ARG A 275 26.34 -2.82 7.81
N MET A 276 26.28 -1.49 7.73
CA MET A 276 25.32 -0.74 8.54
C MET A 276 23.90 -1.02 8.09
N SER A 277 23.68 -1.11 6.78
CA SER A 277 22.33 -1.34 6.26
C SER A 277 21.81 -2.71 6.67
N VAL A 278 22.65 -3.75 6.56
CA VAL A 278 22.22 -5.10 6.88
C VAL A 278 21.77 -5.17 8.34
N SER A 279 22.61 -4.70 9.26
CA SER A 279 22.22 -4.68 10.67
C SER A 279 20.96 -3.87 10.88
N ALA A 280 20.91 -2.66 10.32
CA ALA A 280 19.72 -1.83 10.43
C ALA A 280 18.47 -2.59 10.01
N ILE A 281 18.57 -3.35 8.92
CA ILE A 281 17.43 -4.13 8.45
C ILE A 281 17.08 -5.23 9.44
N VAL A 282 18.07 -6.00 9.88
CA VAL A 282 17.82 -7.07 10.83
C VAL A 282 17.35 -6.53 12.17
N ALA A 283 17.67 -5.27 12.50
CA ALA A 283 17.21 -4.69 13.75
C ALA A 283 15.73 -4.33 13.69
N HIS A 284 15.22 -3.98 12.52
CA HIS A 284 13.81 -3.65 12.35
C HIS A 284 13.12 -4.75 11.55
N LYS A 285 13.06 -5.96 12.11
CA LYS A 285 12.56 -7.11 11.36
C LYS A 285 11.16 -6.86 10.81
N MET A 286 10.25 -6.34 11.64
CA MET A 286 8.88 -6.15 11.20
C MET A 286 8.82 -5.16 10.05
N ARG A 287 9.33 -3.94 10.25
CA ARG A 287 9.37 -2.95 9.18
C ARG A 287 9.84 -3.58 7.89
N SER A 288 10.93 -4.35 7.96
CA SER A 288 11.53 -4.91 6.75
C SER A 288 10.63 -5.96 6.13
N LEU A 289 10.23 -6.98 6.91
CA LEU A 289 9.37 -8.02 6.38
C LEU A 289 8.07 -7.46 5.82
N LEU A 290 7.58 -6.35 6.38
CA LEU A 290 6.33 -5.78 5.88
C LEU A 290 6.55 -4.97 4.60
N THR A 291 7.66 -4.24 4.50
CA THR A 291 7.94 -3.51 3.27
C THR A 291 8.21 -4.46 2.12
N MET A 292 9.06 -5.47 2.34
CA MET A 292 9.34 -6.41 1.27
C MET A 292 8.10 -7.21 0.90
N LEU A 293 7.26 -7.53 1.90
CA LEU A 293 5.94 -8.08 1.59
C LEU A 293 5.10 -7.08 0.83
N GLY A 294 5.33 -5.78 1.05
CA GLY A 294 4.58 -4.77 0.33
C GLY A 294 4.92 -4.76 -1.15
N ILE A 295 6.18 -5.02 -1.50
CA ILE A 295 6.56 -5.05 -2.91
C ILE A 295 6.27 -6.43 -3.50
N ILE A 296 6.34 -7.49 -2.70
CA ILE A 296 6.00 -8.83 -3.17
C ILE A 296 4.62 -8.82 -3.81
N ILE A 297 3.66 -8.15 -3.16
CA ILE A 297 2.31 -8.12 -3.68
C ILE A 297 2.22 -7.21 -4.88
N GLY A 298 2.79 -6.01 -4.79
CA GLY A 298 2.78 -5.05 -5.88
C GLY A 298 3.27 -5.64 -7.20
N ILE A 299 3.96 -6.77 -7.13
CA ILE A 299 4.39 -7.50 -8.31
C ILE A 299 3.44 -8.63 -8.64
N THR A 300 3.16 -9.50 -7.68
CA THR A 300 2.30 -10.66 -7.94
C THR A 300 0.93 -10.23 -8.44
N SER A 301 0.38 -9.16 -7.86
CA SER A 301 -0.93 -8.69 -8.29
C SER A 301 -0.89 -8.22 -9.74
N VAL A 302 0.01 -7.29 -10.05
CA VAL A 302 0.12 -6.77 -11.41
C VAL A 302 0.29 -7.91 -12.41
N VAL A 303 1.20 -8.84 -12.10
CA VAL A 303 1.48 -9.93 -13.03
C VAL A 303 0.29 -10.88 -13.11
N SER A 304 -0.34 -11.20 -11.98
CA SER A 304 -1.40 -12.19 -11.96
C SER A 304 -2.67 -11.69 -12.64
N VAL A 305 -2.87 -10.37 -12.73
CA VAL A 305 -4.03 -9.86 -13.47
C VAL A 305 -3.72 -9.74 -14.96
N VAL A 306 -2.48 -9.42 -15.32
CA VAL A 306 -2.09 -9.40 -16.72
C VAL A 306 -2.20 -10.80 -17.32
N ALA A 307 -1.84 -11.82 -16.53
CA ALA A 307 -1.84 -13.19 -17.02
C ALA A 307 -3.20 -13.86 -16.91
N LEU A 308 -4.03 -13.45 -15.94
CA LEU A 308 -5.41 -13.91 -15.92
C LEU A 308 -6.21 -13.31 -17.07
N GLY A 309 -5.91 -12.06 -17.42
CA GLY A 309 -6.62 -11.43 -18.53
C GLY A 309 -6.23 -12.01 -19.88
N ASN A 310 -4.93 -12.06 -20.16
CA ASN A 310 -4.47 -12.63 -21.41
C ASN A 310 -4.94 -14.07 -21.59
N GLY A 311 -5.06 -14.81 -20.48
CA GLY A 311 -5.55 -16.18 -20.58
C GLY A 311 -7.01 -16.24 -20.99
N SER A 312 -7.85 -15.43 -20.34
CA SER A 312 -9.27 -15.42 -20.67
C SER A 312 -9.50 -14.86 -22.07
N GLN A 313 -8.67 -13.92 -22.52
CA GLN A 313 -8.79 -13.39 -23.87
C GLN A 313 -8.59 -14.51 -24.90
N GLN A 314 -7.54 -15.30 -24.72
CA GLN A 314 -7.31 -16.44 -25.62
C GLN A 314 -8.56 -17.31 -25.73
N LYS A 315 -9.11 -17.73 -24.59
CA LYS A 315 -10.30 -18.58 -24.61
C LYS A 315 -11.49 -17.86 -25.24
N ILE A 316 -11.60 -16.55 -25.04
CA ILE A 316 -12.72 -15.81 -25.60
C ILE A 316 -12.54 -15.60 -27.10
N LEU A 317 -11.35 -15.17 -27.52
CA LEU A 317 -11.08 -15.00 -28.94
C LEU A 317 -11.18 -16.33 -29.68
N GLU A 318 -10.78 -17.43 -29.03
CA GLU A 318 -10.93 -18.74 -29.65
C GLU A 318 -12.39 -19.13 -29.76
N ASN A 319 -13.18 -18.87 -28.70
CA ASN A 319 -14.60 -19.19 -28.74
C ASN A 319 -15.30 -18.44 -29.87
N ILE A 320 -14.76 -17.28 -30.26
CA ILE A 320 -15.34 -16.50 -31.34
C ILE A 320 -14.85 -16.97 -32.70
N ARG A 321 -13.56 -17.25 -32.85
CA ARG A 321 -13.06 -17.74 -34.12
C ARG A 321 -13.69 -19.07 -34.50
N GLY A 322 -14.05 -19.89 -33.51
CA GLY A 322 -14.65 -21.18 -33.78
C GLY A 322 -16.10 -21.13 -34.22
N ILE A 323 -16.72 -19.94 -34.21
CA ILE A 323 -18.09 -19.80 -34.67
C ILE A 323 -18.19 -19.66 -36.18
N GLY A 324 -17.06 -19.58 -36.87
CA GLY A 324 -17.07 -19.39 -38.31
C GLY A 324 -15.74 -18.85 -38.77
N THR A 325 -15.56 -18.90 -40.09
CA THR A 325 -14.32 -18.46 -40.72
C THR A 325 -14.53 -17.11 -41.39
N ASN A 326 -13.50 -16.65 -42.09
CA ASN A 326 -13.55 -15.43 -42.87
C ASN A 326 -13.17 -15.77 -44.31
N THR A 327 -14.01 -15.36 -45.27
CA THR A 327 -13.84 -15.72 -46.65
C THR A 327 -14.15 -14.53 -47.54
N MET A 328 -13.58 -14.56 -48.74
CA MET A 328 -13.80 -13.53 -49.77
C MET A 328 -14.19 -14.25 -51.06
N THR A 329 -15.49 -14.41 -51.27
CA THR A 329 -15.98 -15.06 -52.49
C THR A 329 -15.90 -14.07 -53.65
N ILE A 330 -15.29 -14.52 -54.75
CA ILE A 330 -15.17 -13.70 -55.95
C ILE A 330 -16.36 -14.00 -56.85
N PHE A 331 -17.56 -13.65 -56.39
CA PHE A 331 -18.79 -13.86 -57.14
C PHE A 331 -18.65 -13.29 -58.55
N GLN A 345 -18.32 -14.22 -67.83
CA GLN A 345 -17.86 -15.16 -66.83
C GLN A 345 -16.37 -14.96 -66.52
N ASN A 346 -15.51 -15.46 -67.41
CA ASN A 346 -14.08 -15.20 -67.37
C ASN A 346 -13.52 -15.47 -65.97
N LEU A 347 -13.54 -16.74 -65.59
CA LEU A 347 -13.02 -17.18 -64.30
C LEU A 347 -12.50 -18.60 -64.47
N LYS A 348 -11.18 -18.75 -64.45
CA LYS A 348 -10.53 -20.02 -64.77
C LYS A 348 -10.02 -20.68 -63.50
N ILE A 349 -9.76 -21.99 -63.60
CA ILE A 349 -9.23 -22.76 -62.48
C ILE A 349 -7.78 -22.39 -62.19
N SER A 350 -7.07 -21.86 -63.19
CA SER A 350 -5.70 -21.40 -62.94
C SER A 350 -5.68 -20.14 -62.10
N ASP A 351 -6.77 -19.35 -62.12
CA ASP A 351 -6.89 -18.22 -61.21
C ASP A 351 -6.88 -18.70 -59.77
N ALA A 352 -7.82 -19.58 -59.43
CA ALA A 352 -7.86 -20.15 -58.08
C ALA A 352 -6.57 -20.89 -57.76
N ASN A 353 -5.93 -21.49 -58.77
CA ASN A 353 -4.71 -22.25 -58.53
C ASN A 353 -3.59 -21.33 -58.05
N THR A 354 -3.47 -20.15 -58.67
CA THR A 354 -2.49 -19.17 -58.20
C THR A 354 -2.94 -18.47 -56.92
N LEU A 355 -4.25 -18.35 -56.73
CA LEU A 355 -4.75 -17.72 -55.50
C LEU A 355 -4.35 -18.53 -54.26
N SER A 356 -4.31 -19.86 -54.38
CA SER A 356 -3.96 -20.71 -53.26
C SER A 356 -2.47 -20.69 -52.96
N LYS A 357 -1.65 -20.03 -53.79
CA LYS A 357 -0.20 -20.01 -53.61
C LYS A 357 0.27 -18.74 -52.89
N GLN A 358 -0.54 -18.21 -51.98
CA GLN A 358 -0.17 -17.09 -51.15
C GLN A 358 -0.03 -17.54 -49.70
N SER A 359 0.52 -16.65 -48.87
CA SER A 359 0.56 -16.85 -47.44
C SER A 359 -0.52 -16.08 -46.70
N TYR A 360 -1.16 -15.11 -47.34
CA TYR A 360 -2.32 -14.45 -46.79
C TYR A 360 -3.63 -15.07 -47.28
N ILE A 361 -3.55 -16.21 -47.96
CA ILE A 361 -4.71 -17.03 -48.31
C ILE A 361 -4.37 -18.46 -47.95
N GLN A 362 -5.26 -19.12 -47.20
CA GLN A 362 -4.98 -20.44 -46.65
C GLN A 362 -5.69 -21.57 -47.39
N SER A 363 -6.74 -21.28 -48.14
CA SER A 363 -7.45 -22.32 -48.88
C SER A 363 -8.34 -21.66 -49.92
N VAL A 364 -8.67 -22.42 -50.96
CA VAL A 364 -9.38 -21.90 -52.13
C VAL A 364 -10.38 -22.96 -52.61
N THR A 365 -11.42 -22.49 -53.29
CA THR A 365 -12.50 -23.37 -53.74
C THR A 365 -13.17 -22.84 -55.01
N PRO A 366 -13.12 -23.57 -56.11
CA PRO A 366 -14.04 -23.28 -57.23
C PRO A 366 -15.47 -23.65 -56.86
N ASN A 367 -16.42 -22.92 -57.43
CA ASN A 367 -17.82 -23.02 -57.00
C ASN A 367 -18.74 -22.97 -58.21
N THR A 368 -19.53 -24.02 -58.39
CA THR A 368 -20.63 -24.00 -59.36
C THR A 368 -21.76 -24.93 -58.90
N ALA A 384 -33.81 -30.43 -55.18
CA ALA A 384 -32.61 -30.59 -54.37
C ALA A 384 -31.48 -29.73 -54.92
N ASN A 385 -30.40 -29.61 -54.14
CA ASN A 385 -29.24 -28.81 -54.52
C ASN A 385 -28.00 -29.68 -54.53
N LEU A 386 -27.20 -29.55 -55.58
CA LEU A 386 -25.93 -30.25 -55.73
C LEU A 386 -24.84 -29.21 -55.91
N TYR A 387 -24.01 -29.00 -54.89
CA TYR A 387 -23.01 -27.96 -54.90
C TYR A 387 -21.70 -28.52 -55.45
N GLY A 388 -21.37 -28.12 -56.68
CA GLY A 388 -20.09 -28.46 -57.27
C GLY A 388 -18.97 -27.66 -56.63
N ILE A 389 -18.22 -28.30 -55.75
CA ILE A 389 -17.24 -27.59 -54.92
C ILE A 389 -15.85 -28.16 -55.14
N GLY A 390 -14.86 -27.60 -54.44
CA GLY A 390 -13.47 -27.88 -54.70
C GLY A 390 -12.84 -28.81 -53.67
N GLU A 391 -11.51 -28.90 -53.73
CA GLU A 391 -10.78 -29.81 -52.87
C GLU A 391 -10.89 -29.40 -51.41
N GLN A 392 -10.64 -28.12 -51.10
CA GLN A 392 -10.52 -27.65 -49.74
C GLN A 392 -11.76 -26.90 -49.25
N TYR A 393 -12.89 -27.05 -49.93
CA TYR A 393 -14.09 -26.32 -49.53
C TYR A 393 -14.44 -26.56 -48.08
N PHE A 394 -14.18 -27.77 -47.58
CA PHE A 394 -14.52 -28.10 -46.20
C PHE A 394 -13.54 -27.52 -45.20
N ASP A 395 -12.40 -27.00 -45.66
CA ASP A 395 -11.54 -26.18 -44.81
C ASP A 395 -11.78 -24.70 -44.97
N VAL A 396 -12.36 -24.27 -46.09
CA VAL A 396 -12.62 -22.86 -46.32
C VAL A 396 -13.77 -22.38 -45.43
N GLU A 397 -14.88 -23.12 -45.42
CA GLU A 397 -16.04 -22.77 -44.61
C GLU A 397 -15.96 -23.29 -43.18
N GLY A 398 -14.98 -24.13 -42.87
CA GLY A 398 -14.82 -24.66 -41.54
C GLY A 398 -15.58 -25.95 -41.27
N LEU A 399 -16.36 -26.44 -42.24
CA LEU A 399 -17.09 -27.69 -42.06
C LEU A 399 -16.11 -28.82 -41.74
N LYS A 400 -16.45 -29.61 -40.72
CA LYS A 400 -15.58 -30.68 -40.26
C LYS A 400 -16.21 -32.04 -40.52
N LEU A 401 -15.37 -33.07 -40.49
CA LEU A 401 -15.77 -34.40 -40.94
C LEU A 401 -16.51 -35.15 -39.85
N LYS A 402 -17.66 -35.73 -40.22
CA LYS A 402 -18.43 -36.57 -39.31
C LYS A 402 -18.06 -38.04 -39.47
N GLN A 403 -18.33 -38.61 -40.64
CA GLN A 403 -18.09 -40.02 -40.90
C GLN A 403 -17.75 -40.20 -42.36
N GLY A 404 -17.00 -41.26 -42.65
CA GLY A 404 -16.57 -41.52 -44.02
C GLY A 404 -15.38 -40.68 -44.38
N ARG A 405 -15.42 -40.05 -45.55
CA ARG A 405 -14.35 -39.18 -46.01
C ARG A 405 -14.94 -38.01 -46.77
N LEU A 406 -14.07 -37.06 -47.11
CA LEU A 406 -14.44 -35.91 -47.94
C LEU A 406 -13.95 -36.15 -49.37
N LEU A 407 -14.23 -35.19 -50.24
CA LEU A 407 -13.82 -35.31 -51.64
C LEU A 407 -12.30 -35.22 -51.74
N THR A 408 -11.69 -36.33 -52.19
CA THR A 408 -10.24 -36.38 -52.35
C THR A 408 -9.85 -35.75 -53.69
N GLU A 409 -8.54 -35.77 -53.97
CA GLU A 409 -8.03 -35.23 -55.22
C GLU A 409 -8.30 -36.17 -56.39
N ASP A 410 -8.54 -37.45 -56.13
CA ASP A 410 -8.85 -38.39 -57.20
C ASP A 410 -10.26 -38.16 -57.75
N ASP A 411 -11.20 -37.76 -56.90
CA ASP A 411 -12.57 -37.57 -57.36
C ASP A 411 -12.68 -36.37 -58.29
N VAL A 412 -12.09 -35.24 -57.89
CA VAL A 412 -12.21 -34.03 -58.70
C VAL A 412 -11.40 -34.16 -59.98
N ASP A 413 -10.31 -34.94 -59.95
CA ASP A 413 -9.50 -35.13 -61.16
C ASP A 413 -10.19 -36.04 -62.15
N GLN A 414 -10.93 -37.05 -61.68
CA GLN A 414 -11.62 -37.99 -62.55
C GLN A 414 -13.08 -37.65 -62.78
N SER A 415 -13.57 -36.54 -62.22
CA SER A 415 -14.99 -36.19 -62.32
C SER A 415 -15.85 -37.29 -61.74
N ASN A 416 -15.46 -37.78 -60.56
CA ASN A 416 -16.14 -38.91 -59.95
C ASN A 416 -17.57 -38.55 -59.57
N GLN A 417 -18.43 -39.56 -59.61
CA GLN A 417 -19.84 -39.41 -59.22
C GLN A 417 -20.01 -39.87 -57.77
N VAL A 418 -19.48 -39.05 -56.87
CA VAL A 418 -19.56 -39.29 -55.43
C VAL A 418 -20.00 -38.00 -54.76
N VAL A 419 -20.84 -38.12 -53.73
CA VAL A 419 -21.45 -36.98 -53.09
C VAL A 419 -21.19 -37.07 -51.59
N VAL A 420 -20.87 -35.93 -50.98
CA VAL A 420 -20.78 -35.79 -49.53
C VAL A 420 -22.06 -35.14 -49.03
N LEU A 421 -22.68 -35.74 -48.03
CA LEU A 421 -24.03 -35.36 -47.61
C LEU A 421 -24.00 -34.37 -46.45
N ASP A 422 -24.98 -33.48 -46.46
CA ASP A 422 -25.21 -32.58 -45.34
C ASP A 422 -25.81 -33.36 -44.17
N GLU A 423 -25.46 -32.96 -42.95
CA GLU A 423 -26.00 -33.65 -41.77
C GLU A 423 -27.52 -33.66 -41.79
N SER A 424 -28.15 -32.59 -42.30
CA SER A 424 -29.59 -32.55 -42.39
C SER A 424 -30.09 -33.36 -43.59
N ALA A 425 -29.45 -33.18 -44.75
CA ALA A 425 -29.82 -33.95 -45.93
C ALA A 425 -29.35 -35.41 -45.85
N LYS A 426 -28.60 -35.78 -44.81
CA LYS A 426 -28.19 -37.15 -44.60
C LYS A 426 -29.17 -37.92 -43.71
N LYS A 427 -29.70 -37.25 -42.69
CA LYS A 427 -30.61 -37.92 -41.76
C LYS A 427 -32.01 -38.07 -42.35
N ALA A 428 -32.43 -37.14 -43.22
CA ALA A 428 -33.78 -37.20 -43.78
C ALA A 428 -33.90 -38.34 -44.79
N ILE A 429 -32.91 -38.51 -45.66
CA ILE A 429 -33.01 -39.50 -46.73
C ILE A 429 -32.81 -40.90 -46.18
N PHE A 430 -31.71 -41.13 -45.46
CA PHE A 430 -31.40 -42.44 -44.92
C PHE A 430 -31.92 -42.58 -43.50
N VAL A 440 -27.44 -42.55 -54.68
CA VAL A 440 -28.56 -41.68 -54.97
C VAL A 440 -28.63 -41.44 -56.48
N ILE A 441 -29.67 -40.73 -56.91
CA ILE A 441 -29.87 -40.47 -58.34
C ILE A 441 -30.27 -39.00 -58.52
N PHE A 442 -29.34 -38.17 -58.99
CA PHE A 442 -29.58 -36.76 -59.23
C PHE A 442 -29.67 -36.55 -60.74
N ASN A 443 -30.88 -36.27 -61.23
CA ASN A 443 -31.14 -36.07 -62.66
C ASN A 443 -30.81 -37.34 -63.44
N LYS A 444 -31.33 -38.47 -62.97
CA LYS A 444 -31.10 -39.77 -63.60
C LYS A 444 -29.62 -39.98 -63.89
N ARG A 445 -28.83 -39.90 -62.82
CA ARG A 445 -27.38 -40.05 -62.87
C ARG A 445 -26.90 -40.54 -61.50
N PRO A 446 -26.42 -41.78 -61.39
CA PRO A 446 -26.07 -42.31 -60.07
C PRO A 446 -24.99 -41.47 -59.38
N PHE A 447 -25.00 -41.55 -58.05
CA PHE A 447 -23.98 -40.91 -57.21
C PHE A 447 -23.77 -41.79 -55.98
N ARG A 448 -22.51 -42.09 -55.69
CA ARG A 448 -22.16 -42.96 -54.57
C ARG A 448 -21.76 -42.11 -53.37
N VAL A 449 -22.56 -42.19 -52.30
CA VAL A 449 -22.27 -41.41 -51.10
C VAL A 449 -20.94 -41.86 -50.49
N ILE A 450 -20.25 -40.92 -49.85
CA ILE A 450 -18.92 -41.20 -49.34
C ILE A 450 -18.69 -40.57 -47.96
N GLY A 451 -19.52 -39.62 -47.56
CA GLY A 451 -19.30 -38.98 -46.28
C GLY A 451 -20.39 -37.97 -45.94
N VAL A 452 -20.24 -37.38 -44.74
CA VAL A 452 -21.18 -36.40 -44.21
C VAL A 452 -20.36 -35.26 -43.60
N VAL A 453 -21.02 -34.12 -43.40
CA VAL A 453 -20.34 -32.91 -42.95
C VAL A 453 -21.11 -32.20 -41.85
N SER A 454 -20.61 -31.02 -41.45
CA SER A 454 -21.14 -30.26 -40.33
C SER A 454 -22.05 -29.15 -40.86
N ASP A 455 -23.35 -29.30 -40.65
CA ASP A 455 -24.30 -28.30 -41.12
C ASP A 455 -24.04 -26.95 -40.44
N GLN A 456 -23.99 -25.89 -41.24
CA GLN A 456 -23.82 -24.55 -40.72
C GLN A 456 -23.91 -23.54 -41.86
N SER A 465 -34.91 -27.10 -48.55
CA SER A 465 -34.15 -27.69 -49.64
C SER A 465 -33.15 -28.70 -49.09
N LEU A 466 -32.55 -29.48 -49.98
CA LEU A 466 -31.59 -30.51 -49.61
C LEU A 466 -30.21 -30.12 -50.14
N ASN A 467 -29.20 -30.19 -49.27
CA ASN A 467 -27.85 -29.79 -49.61
C ASN A 467 -27.00 -31.02 -49.94
N LEU A 468 -26.25 -30.93 -51.04
CA LEU A 468 -25.39 -32.01 -51.48
C LEU A 468 -24.08 -31.40 -51.98
N TYR A 469 -22.99 -32.14 -51.80
CA TYR A 469 -21.65 -31.66 -52.14
C TYR A 469 -20.99 -32.66 -53.09
N SER A 470 -20.66 -32.20 -54.29
CA SER A 470 -19.96 -33.01 -55.27
C SER A 470 -18.86 -32.16 -55.90
N PRO A 471 -17.91 -32.80 -56.60
CA PRO A 471 -16.85 -32.03 -57.26
C PRO A 471 -17.41 -31.13 -58.36
N TYR A 472 -16.73 -30.00 -58.57
CA TYR A 472 -17.10 -29.11 -59.66
C TYR A 472 -16.85 -29.77 -61.01
N SER A 473 -15.83 -30.62 -61.11
CA SER A 473 -15.58 -31.35 -62.34
C SER A 473 -16.69 -32.35 -62.66
N THR A 474 -17.45 -32.78 -61.64
CA THR A 474 -18.55 -33.70 -61.87
C THR A 474 -19.82 -33.00 -62.32
N VAL A 475 -20.00 -31.73 -61.92
CA VAL A 475 -21.21 -31.01 -62.27
C VAL A 475 -21.09 -30.38 -63.65
N LEU A 476 -19.89 -29.90 -64.00
CA LEU A 476 -19.66 -29.30 -65.31
C LEU A 476 -19.43 -30.35 -66.40
N ASN A 477 -19.45 -31.63 -66.05
CA ASN A 477 -19.22 -32.71 -67.01
C ASN A 477 -20.39 -33.69 -67.10
N LYS A 478 -21.04 -33.99 -65.97
CA LYS A 478 -22.04 -35.04 -65.92
C LYS A 478 -23.41 -34.55 -65.46
N ILE A 479 -23.61 -33.24 -65.32
CA ILE A 479 -24.88 -32.72 -64.83
C ILE A 479 -25.31 -31.52 -65.67
N THR A 480 -24.43 -30.54 -65.81
CA THR A 480 -24.77 -29.28 -66.46
C THR A 480 -24.02 -29.03 -67.76
N GLY A 481 -22.73 -29.34 -67.80
CA GLY A 481 -21.91 -28.99 -68.94
C GLY A 481 -21.28 -27.62 -68.78
N GLY A 482 -20.63 -27.17 -69.84
CA GLY A 482 -19.98 -25.88 -69.84
C GLY A 482 -18.70 -25.87 -69.03
N SER A 483 -17.76 -25.00 -69.39
CA SER A 483 -16.48 -24.89 -68.70
C SER A 483 -16.41 -23.68 -67.77
N ARG A 484 -17.41 -22.80 -67.81
CA ARG A 484 -17.40 -21.61 -66.97
C ARG A 484 -17.94 -21.95 -65.58
N ILE A 485 -17.21 -21.54 -64.55
CA ILE A 485 -17.59 -21.82 -63.17
C ILE A 485 -18.34 -20.62 -62.61
N GLY A 486 -18.84 -20.77 -61.38
CA GLY A 486 -19.61 -19.71 -60.74
C GLY A 486 -18.77 -18.65 -60.06
N SER A 487 -17.97 -19.06 -59.08
CA SER A 487 -17.21 -18.12 -58.27
C SER A 487 -15.98 -18.82 -57.71
N ILE A 488 -15.16 -18.06 -56.99
CA ILE A 488 -13.97 -18.56 -56.32
C ILE A 488 -13.98 -18.02 -54.89
N THR A 489 -13.94 -18.90 -53.91
CA THR A 489 -13.98 -18.53 -52.50
C THR A 489 -12.63 -18.83 -51.87
N VAL A 490 -12.03 -17.82 -51.23
CA VAL A 490 -10.75 -17.94 -50.56
C VAL A 490 -10.95 -17.75 -49.07
N LYS A 491 -10.10 -18.39 -48.28
CA LYS A 491 -10.14 -18.31 -46.82
C LYS A 491 -9.03 -17.38 -46.38
N ILE A 492 -9.39 -16.14 -46.04
CA ILE A 492 -8.39 -15.15 -45.65
C ILE A 492 -7.74 -15.58 -44.34
N SER A 493 -6.43 -15.34 -44.24
CA SER A 493 -5.67 -15.76 -43.07
C SER A 493 -6.11 -14.99 -41.83
N ASP A 494 -5.72 -15.52 -40.66
CA ASP A 494 -6.17 -14.95 -39.39
C ASP A 494 -5.38 -13.71 -39.00
N ASP A 495 -4.12 -13.59 -39.43
CA ASP A 495 -3.27 -12.50 -39.01
C ASP A 495 -3.28 -11.31 -39.96
N VAL A 496 -3.58 -11.53 -41.24
CA VAL A 496 -3.56 -10.45 -42.21
C VAL A 496 -4.77 -9.55 -42.00
N ASN A 497 -4.59 -8.26 -42.24
CA ASN A 497 -5.69 -7.31 -42.14
C ASN A 497 -6.72 -7.56 -43.23
N SER A 498 -7.99 -7.30 -42.90
CA SER A 498 -9.08 -7.61 -43.82
C SER A 498 -9.11 -6.66 -45.01
N THR A 499 -9.42 -5.39 -44.78
CA THR A 499 -9.54 -4.43 -45.87
C THR A 499 -8.23 -4.29 -46.65
N VAL A 500 -7.11 -4.77 -46.10
CA VAL A 500 -5.88 -4.83 -46.88
C VAL A 500 -5.99 -5.91 -47.96
N ALA A 501 -6.51 -7.08 -47.59
CA ALA A 501 -6.63 -8.17 -48.55
C ALA A 501 -7.69 -7.87 -49.61
N GLU A 502 -8.78 -7.21 -49.21
CA GLU A 502 -9.81 -6.84 -50.18
C GLU A 502 -9.24 -5.95 -51.28
N LYS A 503 -8.17 -5.20 -50.98
CA LYS A 503 -7.49 -4.39 -51.99
C LYS A 503 -6.20 -5.03 -52.48
N SER A 504 -5.73 -6.10 -51.84
CA SER A 504 -4.57 -6.84 -52.31
C SER A 504 -4.95 -7.91 -53.33
N LEU A 505 -6.14 -8.49 -53.20
CA LEU A 505 -6.60 -9.46 -54.20
C LEU A 505 -7.09 -8.75 -55.46
N THR A 506 -7.71 -7.58 -55.30
CA THR A 506 -8.04 -6.76 -56.48
C THR A 506 -6.78 -6.44 -57.28
N GLU A 507 -5.64 -6.35 -56.62
CA GLU A 507 -4.37 -6.12 -57.31
C GLU A 507 -3.75 -7.42 -57.80
N LEU A 508 -3.70 -8.43 -56.94
CA LEU A 508 -3.00 -9.67 -57.29
C LEU A 508 -3.66 -10.37 -58.47
N LEU A 509 -4.99 -10.46 -58.46
CA LEU A 509 -5.69 -11.08 -59.58
C LEU A 509 -5.73 -10.19 -60.81
N LYS A 510 -5.81 -8.86 -60.62
CA LYS A 510 -5.79 -7.96 -61.76
C LYS A 510 -4.50 -8.09 -62.55
N SER A 511 -3.38 -8.42 -61.87
CA SER A 511 -2.14 -8.68 -62.57
C SER A 511 -2.27 -9.84 -63.55
N LEU A 512 -3.25 -10.72 -63.34
CA LEU A 512 -3.53 -11.79 -64.29
C LEU A 512 -4.45 -11.36 -65.42
N HIS A 513 -5.16 -10.24 -65.25
CA HIS A 513 -6.00 -9.61 -66.26
C HIS A 513 -7.36 -10.28 -66.40
N GLY A 514 -7.73 -11.19 -65.50
CA GLY A 514 -8.98 -11.91 -65.61
C GLY A 514 -10.15 -11.18 -64.98
N LYS A 515 -10.50 -10.01 -65.52
CA LYS A 515 -11.60 -9.19 -65.01
C LYS A 515 -12.48 -8.72 -66.15
N LYS A 516 -13.80 -8.57 -65.95
CA LYS A 516 -14.52 -8.93 -64.73
C LYS A 516 -14.46 -10.45 -64.50
N ASP A 517 -14.97 -10.98 -63.39
CA ASP A 517 -15.75 -10.28 -62.36
C ASP A 517 -14.92 -9.43 -61.41
N PHE A 518 -14.32 -10.07 -60.40
CA PHE A 518 -13.71 -9.39 -59.26
C PHE A 518 -14.74 -8.68 -58.40
N PHE A 519 -16.03 -8.91 -58.64
CA PHE A 519 -17.10 -8.38 -57.79
C PHE A 519 -16.98 -9.08 -56.43
N ILE A 520 -15.99 -8.64 -55.66
CA ILE A 520 -15.62 -9.32 -54.43
C ILE A 520 -16.67 -9.06 -53.36
N MET A 521 -17.17 -10.13 -52.76
CA MET A 521 -17.79 -10.05 -51.45
C MET A 521 -16.75 -10.36 -50.38
N ASN A 522 -17.04 -9.95 -49.15
CA ASN A 522 -16.16 -10.25 -48.03
C ASN A 522 -17.02 -10.45 -46.80
N SER A 523 -17.09 -11.70 -46.32
CA SER A 523 -17.76 -12.03 -45.07
C SER A 523 -16.67 -12.13 -44.00
N ASP A 524 -16.59 -11.10 -43.15
CA ASP A 524 -15.51 -11.02 -42.17
C ASP A 524 -16.04 -10.43 -40.86
N THR A 525 -17.25 -10.82 -40.47
CA THR A 525 -17.80 -10.32 -39.21
C THR A 525 -17.10 -10.96 -38.02
N ILE A 526 -16.68 -12.22 -38.15
CA ILE A 526 -15.84 -12.83 -37.13
C ILE A 526 -14.55 -12.04 -36.97
N LYS A 527 -13.82 -11.85 -38.08
CA LYS A 527 -12.61 -11.05 -38.06
C LYS A 527 -12.86 -9.62 -37.59
N GLN A 528 -14.12 -9.18 -37.55
CA GLN A 528 -14.47 -7.89 -36.96
C GLN A 528 -14.69 -8.03 -35.45
N THR A 529 -15.50 -9.00 -35.04
CA THR A 529 -15.83 -9.18 -33.64
C THR A 529 -14.73 -9.88 -32.84
N ILE A 530 -13.55 -10.06 -33.41
CA ILE A 530 -12.35 -10.34 -32.63
C ILE A 530 -11.53 -9.07 -32.42
N GLU A 531 -11.35 -8.29 -33.48
CA GLU A 531 -10.70 -6.99 -33.33
C GLU A 531 -11.53 -6.06 -32.45
N ASN A 532 -12.85 -6.25 -32.44
CA ASN A 532 -13.72 -5.40 -31.63
C ASN A 532 -13.69 -5.77 -30.15
N THR A 533 -13.53 -7.06 -29.84
CA THR A 533 -13.40 -7.49 -28.46
C THR A 533 -11.96 -7.53 -27.98
N THR A 534 -11.00 -7.66 -28.89
CA THR A 534 -9.59 -7.55 -28.50
C THR A 534 -9.26 -6.12 -28.10
N GLY A 535 -9.93 -5.13 -28.70
CA GLY A 535 -9.80 -3.77 -28.24
C GLY A 535 -10.50 -3.50 -26.92
N THR A 536 -11.51 -4.31 -26.59
CA THR A 536 -12.16 -4.21 -25.28
C THR A 536 -11.34 -4.95 -24.22
N MET A 537 -10.89 -6.16 -24.54
CA MET A 537 -10.03 -6.90 -23.61
C MET A 537 -8.73 -6.14 -23.36
N LYS A 538 -8.25 -5.40 -24.35
CA LYS A 538 -7.06 -4.57 -24.14
C LYS A 538 -7.33 -3.50 -23.09
N LEU A 539 -8.37 -2.69 -23.31
CA LEU A 539 -8.68 -1.62 -22.36
C LEU A 539 -8.95 -2.20 -20.96
N LEU A 540 -9.46 -3.42 -20.88
CA LEU A 540 -9.71 -4.06 -19.59
C LEU A 540 -8.38 -4.37 -18.90
N ILE A 541 -7.62 -5.34 -19.43
CA ILE A 541 -6.37 -5.72 -18.80
C ILE A 541 -5.42 -4.54 -18.67
N SER A 542 -5.59 -3.53 -19.53
CA SER A 542 -4.69 -2.37 -19.50
C SER A 542 -5.06 -1.38 -18.41
N SER A 543 -6.33 -1.30 -18.04
CA SER A 543 -6.76 -0.37 -17.01
C SER A 543 -6.75 -1.00 -15.62
N ILE A 544 -6.93 -2.32 -15.52
CA ILE A 544 -6.81 -2.99 -14.22
C ILE A 544 -5.36 -3.34 -13.89
N ALA A 545 -4.49 -3.41 -14.90
CA ALA A 545 -3.06 -3.48 -14.65
C ALA A 545 -2.48 -2.13 -14.28
N PHE A 546 -3.16 -1.04 -14.67
CA PHE A 546 -2.79 0.29 -14.21
C PHE A 546 -3.27 0.53 -12.78
N ILE A 547 -4.49 0.09 -12.46
CA ILE A 547 -4.99 0.15 -11.09
C ILE A 547 -4.06 -0.66 -10.22
N SER A 548 -4.06 -1.99 -10.39
CA SER A 548 -3.28 -2.87 -9.53
C SER A 548 -1.82 -2.44 -9.44
N LEU A 549 -1.32 -1.68 -10.41
CA LEU A 549 0.03 -1.16 -10.34
C LEU A 549 0.09 0.09 -9.46
N ILE A 550 -0.81 1.05 -9.70
CA ILE A 550 -0.86 2.24 -8.84
C ILE A 550 -1.18 1.85 -7.41
N VAL A 551 -2.03 0.83 -7.23
CA VAL A 551 -2.37 0.34 -5.90
C VAL A 551 -1.10 -0.07 -5.17
N GLY A 552 -0.42 -1.10 -5.67
CA GLY A 552 0.77 -1.60 -5.01
C GLY A 552 1.88 -0.59 -4.89
N GLY A 553 1.92 0.37 -5.82
CA GLY A 553 2.95 1.40 -5.75
C GLY A 553 2.77 2.31 -4.55
N ILE A 554 1.53 2.70 -4.27
CA ILE A 554 1.23 3.47 -3.07
C ILE A 554 1.40 2.62 -1.83
N GLY A 555 1.01 1.33 -1.91
CA GLY A 555 1.18 0.45 -0.78
C GLY A 555 2.61 0.37 -0.29
N VAL A 556 3.58 0.48 -1.20
CA VAL A 556 4.98 0.54 -0.81
C VAL A 556 5.33 1.91 -0.28
N MET A 557 4.85 2.97 -0.94
CA MET A 557 5.11 4.32 -0.47
C MET A 557 4.66 4.49 0.97
N ASN A 558 3.43 4.08 1.28
CA ASN A 558 2.93 4.14 2.65
C ASN A 558 3.90 3.49 3.61
N ILE A 559 4.10 2.19 3.45
CA ILE A 559 4.94 1.43 4.38
C ILE A 559 6.37 1.94 4.36
N MET A 560 6.83 2.44 3.21
CA MET A 560 8.20 2.94 3.10
C MET A 560 8.31 4.35 3.65
N LEU A 561 7.38 5.24 3.28
CA LEU A 561 7.45 6.62 3.72
C LEU A 561 7.34 6.74 5.23
N VAL A 562 6.71 5.77 5.89
CA VAL A 562 6.70 5.74 7.34
C VAL A 562 8.02 5.20 7.88
N SER A 563 8.42 4.03 7.38
CA SER A 563 9.54 3.30 7.96
C SER A 563 10.80 4.15 8.08
N VAL A 564 11.03 5.07 7.16
CA VAL A 564 12.25 5.86 7.13
C VAL A 564 12.08 7.20 7.84
N THR A 565 10.90 7.83 7.73
CA THR A 565 10.61 8.97 8.58
C THR A 565 10.61 8.57 10.04
N GLU A 566 10.29 7.29 10.30
CA GLU A 566 10.35 6.72 11.64
C GLU A 566 11.75 6.83 12.25
N ARG A 567 12.78 7.05 11.44
CA ARG A 567 14.16 7.10 11.93
C ARG A 567 14.85 8.37 11.45
N THR A 568 14.14 9.50 11.49
CA THR A 568 14.80 10.77 11.22
C THR A 568 15.72 11.18 12.35
N LYS A 569 15.38 10.82 13.59
CA LYS A 569 16.27 11.14 14.71
C LYS A 569 17.57 10.35 14.63
N GLU A 570 17.48 9.08 14.26
CA GLU A 570 18.70 8.30 14.04
C GLU A 570 19.65 9.06 13.12
N ILE A 571 19.11 9.72 12.09
CA ILE A 571 19.94 10.52 11.19
C ILE A 571 20.55 11.68 11.94
N GLY A 572 19.73 12.45 12.66
CA GLY A 572 20.24 13.60 13.40
C GLY A 572 21.37 13.23 14.35
N VAL A 573 21.27 12.05 14.96
CA VAL A 573 22.39 11.53 15.75
C VAL A 573 23.62 11.36 14.87
N ARG A 574 23.48 10.60 13.78
CA ARG A 574 24.61 10.32 12.90
C ARG A 574 25.20 11.60 12.34
N MET A 575 24.36 12.58 12.02
CA MET A 575 24.86 13.83 11.47
C MET A 575 25.59 14.64 12.53
N ALA A 576 25.07 14.68 13.76
CA ALA A 576 25.74 15.40 14.82
C ALA A 576 27.04 14.71 15.23
N ILE A 577 27.10 13.39 15.13
CA ILE A 577 28.25 12.64 15.64
C ILE A 577 29.28 12.42 14.54
N GLY A 578 29.08 13.02 13.36
CA GLY A 578 30.14 13.08 12.37
C GLY A 578 29.78 12.77 10.92
N ALA A 579 28.75 11.95 10.69
CA ALA A 579 28.47 11.47 9.34
C ALA A 579 28.33 12.63 8.35
N ARG A 580 28.72 12.36 7.11
CA ARG A 580 28.49 13.29 6.00
C ARG A 580 27.13 13.01 5.37
N GLN A 581 26.60 14.03 4.71
CA GLN A 581 25.32 13.89 4.03
C GLN A 581 25.29 12.62 3.18
N ILE A 582 26.31 12.43 2.33
CA ILE A 582 26.32 11.30 1.42
C ILE A 582 26.31 9.99 2.20
N ASN A 583 26.97 9.95 3.35
CA ASN A 583 27.03 8.72 4.13
C ASN A 583 25.64 8.21 4.48
N ILE A 584 24.69 9.13 4.71
CA ILE A 584 23.32 8.72 5.02
C ILE A 584 22.69 8.07 3.79
N LEU A 585 22.72 8.78 2.66
CA LEU A 585 22.09 8.28 1.44
C LEU A 585 22.65 6.93 1.04
N GLN A 586 23.93 6.68 1.30
CA GLN A 586 24.54 5.41 0.94
C GLN A 586 23.82 4.24 1.60
N GLN A 587 23.68 4.27 2.92
CA GLN A 587 23.13 3.12 3.63
C GLN A 587 21.60 3.07 3.55
N PHE A 588 20.94 4.19 3.26
CA PHE A 588 19.49 4.16 3.08
C PHE A 588 19.11 3.69 1.69
N LEU A 589 19.93 3.98 0.68
CA LEU A 589 19.74 3.37 -0.63
C LEU A 589 19.99 1.87 -0.57
N ILE A 590 21.12 1.46 0.04
CA ILE A 590 21.42 0.04 0.17
C ILE A 590 20.37 -0.65 1.02
N GLU A 591 19.73 0.08 1.94
CA GLU A 591 18.64 -0.50 2.70
C GLU A 591 17.43 -0.77 1.81
N ALA A 592 17.18 0.12 0.85
CA ALA A 592 16.07 -0.07 -0.09
C ALA A 592 16.40 -1.19 -1.08
N VAL A 593 17.44 -0.99 -1.90
CA VAL A 593 17.71 -1.92 -2.98
C VAL A 593 17.90 -3.33 -2.43
N LEU A 594 18.51 -3.46 -1.25
CA LEU A 594 18.72 -4.77 -0.66
C LEU A 594 17.41 -5.41 -0.23
N ILE A 595 16.46 -4.59 0.23
CA ILE A 595 15.13 -5.11 0.55
C ILE A 595 14.19 -5.07 -0.64
N CYS A 596 14.54 -4.31 -1.69
CA CYS A 596 13.72 -4.27 -2.90
C CYS A 596 13.93 -5.52 -3.74
N LEU A 597 15.18 -5.84 -4.07
CA LEU A 597 15.43 -6.95 -4.98
C LEU A 597 15.43 -8.31 -4.30
N ILE A 598 15.08 -8.38 -3.02
CA ILE A 598 14.75 -9.66 -2.40
C ILE A 598 13.25 -9.92 -2.47
N GLY A 599 12.44 -8.90 -2.14
CA GLY A 599 11.02 -9.01 -2.34
C GLY A 599 10.65 -9.09 -3.81
N GLY A 600 11.49 -8.54 -4.68
CA GLY A 600 11.31 -8.69 -6.11
C GLY A 600 11.45 -10.15 -6.52
N VAL A 601 12.59 -10.76 -6.19
CA VAL A 601 12.78 -12.19 -6.44
C VAL A 601 11.63 -12.98 -5.84
N ALA A 602 11.26 -12.64 -4.59
CA ALA A 602 10.15 -13.34 -3.94
C ALA A 602 8.85 -13.14 -4.70
N GLY A 603 8.72 -12.05 -5.44
CA GLY A 603 7.50 -11.77 -6.16
C GLY A 603 7.40 -12.50 -7.48
N ILE A 604 8.46 -12.47 -8.29
CA ILE A 604 8.39 -13.06 -9.62
C ILE A 604 8.15 -14.56 -9.54
N LEU A 605 8.65 -15.21 -8.49
CA LEU A 605 8.52 -16.66 -8.36
C LEU A 605 7.36 -17.07 -7.47
N LEU A 606 6.77 -16.15 -6.71
CA LEU A 606 5.50 -16.44 -6.04
C LEU A 606 4.36 -16.43 -7.05
N SER A 607 4.41 -15.50 -8.01
CA SER A 607 3.44 -15.51 -9.09
C SER A 607 3.52 -16.79 -9.91
N VAL A 608 4.75 -17.26 -10.18
CA VAL A 608 4.94 -18.53 -10.88
C VAL A 608 4.15 -19.63 -10.18
N LEU A 609 4.32 -19.74 -8.85
CA LEU A 609 3.64 -20.80 -8.12
C LEU A 609 2.13 -20.63 -8.14
N ILE A 610 1.65 -19.38 -8.22
CA ILE A 610 0.21 -19.16 -8.35
C ILE A 610 -0.28 -19.66 -9.71
N GLY A 611 0.49 -19.37 -10.77
CA GLY A 611 0.12 -19.88 -12.09
C GLY A 611 0.03 -21.39 -12.11
N VAL A 612 1.03 -22.06 -11.55
CA VAL A 612 1.03 -23.52 -11.50
C VAL A 612 -0.22 -24.02 -10.77
N LEU A 613 -0.59 -23.34 -9.67
CA LEU A 613 -1.77 -23.75 -8.93
C LEU A 613 -3.05 -23.47 -9.69
N PHE A 614 -3.07 -22.40 -10.48
CA PHE A 614 -4.26 -22.05 -11.26
C PHE A 614 -4.40 -22.95 -12.48
N ASN A 615 -3.29 -23.17 -13.20
CA ASN A 615 -3.34 -24.00 -14.41
C ASN A 615 -3.66 -25.45 -14.09
N SER A 616 -3.35 -25.91 -12.88
CA SER A 616 -3.57 -27.31 -12.54
C SER A 616 -5.03 -27.60 -12.21
N PHE A 617 -5.64 -26.76 -11.39
CA PHE A 617 -7.01 -27.00 -10.93
C PHE A 617 -8.07 -26.48 -11.89
N ILE A 618 -7.75 -25.50 -12.73
CA ILE A 618 -8.73 -24.86 -13.60
C ILE A 618 -8.56 -25.42 -15.01
N THR A 619 -9.66 -25.96 -15.55
CA THR A 619 -9.65 -26.52 -16.90
C THR A 619 -9.78 -25.43 -17.97
N ASP A 620 -10.62 -24.42 -17.70
CA ASP A 620 -10.99 -23.40 -18.67
C ASP A 620 -9.78 -22.76 -19.36
N PHE A 621 -9.52 -21.48 -19.09
CA PHE A 621 -8.43 -20.77 -19.73
C PHE A 621 -7.19 -20.81 -18.85
N SER A 622 -6.04 -21.05 -19.48
CA SER A 622 -4.79 -21.11 -18.75
C SER A 622 -4.24 -19.71 -18.51
N MET A 623 -3.65 -19.51 -17.32
CA MET A 623 -3.04 -18.24 -16.98
C MET A 623 -1.71 -18.15 -17.72
N ASP A 624 -1.69 -17.37 -18.81
CA ASP A 624 -0.53 -17.26 -19.67
C ASP A 624 0.21 -15.98 -19.32
N PHE A 625 1.42 -16.12 -18.78
CA PHE A 625 2.17 -14.98 -18.28
C PHE A 625 2.73 -14.14 -19.43
N SER A 626 3.25 -12.98 -19.07
CA SER A 626 3.88 -12.05 -20.00
C SER A 626 5.22 -11.62 -19.45
N THR A 627 6.27 -11.70 -20.27
CA THR A 627 7.60 -11.29 -19.86
C THR A 627 7.81 -9.78 -19.99
N ALA A 628 6.78 -9.03 -20.35
CA ALA A 628 6.82 -7.57 -20.31
C ALA A 628 6.22 -7.02 -19.03
N SER A 629 5.18 -7.66 -18.49
CA SER A 629 4.62 -7.24 -17.22
C SER A 629 5.55 -7.61 -16.06
N ILE A 630 6.19 -8.78 -16.15
CA ILE A 630 7.20 -9.15 -15.15
C ILE A 630 8.19 -8.01 -14.97
N VAL A 631 8.81 -7.57 -16.06
CA VAL A 631 9.79 -6.49 -16.00
C VAL A 631 9.14 -5.23 -15.45
N THR A 632 8.05 -4.78 -16.08
CA THR A 632 7.42 -3.53 -15.69
C THR A 632 7.10 -3.51 -14.20
N ALA A 633 6.46 -4.57 -13.71
CA ALA A 633 6.07 -4.61 -12.29
C ALA A 633 7.30 -4.46 -11.39
N VAL A 634 8.33 -5.26 -11.65
CA VAL A 634 9.52 -5.26 -10.80
C VAL A 634 10.21 -3.89 -10.84
N LEU A 635 10.55 -3.44 -12.04
CA LEU A 635 11.26 -2.16 -12.17
C LEU A 635 10.44 -0.99 -11.68
N PHE A 636 9.12 -1.16 -11.49
CA PHE A 636 8.29 -0.07 -10.96
C PHE A 636 8.17 -0.14 -9.44
N SER A 637 7.96 -1.33 -8.88
CA SER A 637 7.84 -1.47 -7.44
C SER A 637 9.15 -1.21 -6.72
N THR A 638 10.29 -1.33 -7.40
CA THR A 638 11.57 -1.01 -6.79
C THR A 638 11.95 0.45 -6.98
N LEU A 639 11.77 0.97 -8.20
CA LEU A 639 12.05 2.39 -8.44
C LEU A 639 11.21 3.28 -7.54
N ILE A 640 10.04 2.82 -7.13
CA ILE A 640 9.17 3.60 -6.25
C ILE A 640 9.53 3.37 -4.79
N GLY A 641 9.86 2.13 -4.42
CA GLY A 641 10.30 1.85 -3.07
C GLY A 641 11.67 2.43 -2.77
N VAL A 642 12.50 2.59 -3.80
CA VAL A 642 13.80 3.23 -3.63
C VAL A 642 13.66 4.73 -3.57
N LEU A 643 12.79 5.30 -4.41
CA LEU A 643 12.61 6.74 -4.40
C LEU A 643 12.05 7.23 -3.08
N PHE A 644 11.25 6.42 -2.40
CA PHE A 644 10.65 6.80 -1.13
C PHE A 644 11.42 6.30 0.07
N GLY A 645 12.47 5.51 -0.14
CA GLY A 645 13.39 5.19 0.93
C GLY A 645 14.53 6.20 0.99
N TYR A 646 14.72 6.93 -0.12
CA TYR A 646 15.78 7.91 -0.26
C TYR A 646 15.28 9.33 0.02
N MET A 647 14.19 9.74 -0.62
CA MET A 647 13.66 11.09 -0.44
C MET A 647 13.59 11.51 1.02
N PRO A 648 12.96 10.75 1.92
CA PRO A 648 12.90 11.19 3.32
C PRO A 648 14.26 11.17 4.00
N ALA A 649 15.05 10.12 3.78
CA ALA A 649 16.38 10.05 4.38
C ALA A 649 17.24 11.24 3.97
N LYS A 650 17.09 11.70 2.74
CA LYS A 650 17.88 12.83 2.27
C LYS A 650 17.36 14.14 2.83
N LYS A 651 16.04 14.31 2.91
CA LYS A 651 15.49 15.54 3.47
C LYS A 651 15.86 15.71 4.93
N ALA A 652 16.03 14.61 5.67
CA ALA A 652 16.46 14.70 7.06
C ALA A 652 17.92 15.09 7.16
N ALA A 653 18.78 14.37 6.42
CA ALA A 653 20.23 14.56 6.54
C ALA A 653 20.68 15.97 6.18
N GLU A 654 19.79 16.82 5.67
CA GLU A 654 20.13 18.19 5.35
C GLU A 654 19.49 19.20 6.31
N LEU A 655 18.67 18.74 7.25
CA LEU A 655 18.25 19.57 8.35
C LEU A 655 19.42 19.82 9.31
N ASN A 656 19.28 20.88 10.09
CA ASN A 656 20.16 21.03 11.25
C ASN A 656 20.03 19.80 12.14
N PRO A 657 21.13 19.25 12.65
CA PRO A 657 21.00 18.02 13.47
C PRO A 657 20.03 18.16 14.62
N ILE A 658 19.95 19.32 15.28
CA ILE A 658 19.05 19.47 16.41
C ILE A 658 17.59 19.39 15.94
N THR A 659 17.26 20.07 14.85
CA THR A 659 15.90 20.00 14.33
C THR A 659 15.54 18.57 13.95
N ALA A 660 16.53 17.77 13.56
CA ALA A 660 16.28 16.36 13.25
C ALA A 660 16.12 15.53 14.51
N LEU A 661 16.73 15.96 15.62
CA LEU A 661 16.68 15.21 16.86
C LEU A 661 15.39 15.43 17.64
N ALA A 662 14.56 16.38 17.22
CA ALA A 662 13.34 16.69 17.95
C ALA A 662 12.11 16.15 17.22
N GLN A 663 12.02 14.83 17.09
CA GLN A 663 10.92 14.19 16.40
C GLN A 663 10.70 12.77 16.92
N MET B 21 0.71 0.34 60.00
CA MET B 21 2.15 0.24 60.37
C MET B 21 3.04 0.82 59.26
N ASN B 22 3.58 -0.05 58.41
CA ASN B 22 4.31 0.39 57.24
C ASN B 22 3.35 0.70 56.10
N ILE B 23 3.87 1.41 55.10
CA ILE B 23 3.15 1.60 53.85
C ILE B 23 3.72 0.77 52.71
N ILE B 24 4.99 0.38 52.79
CA ILE B 24 5.63 -0.48 51.79
C ILE B 24 6.40 -1.54 52.53
N GLU B 25 6.23 -2.80 52.11
CA GLU B 25 6.84 -3.94 52.82
C GLU B 25 7.42 -4.90 51.79
N ILE B 26 8.73 -4.84 51.61
CA ILE B 26 9.46 -5.69 50.67
C ILE B 26 10.30 -6.67 51.48
N LYS B 27 10.22 -7.95 51.12
CA LYS B 27 11.04 -8.97 51.77
C LYS B 27 11.54 -9.98 50.73
N GLN B 28 12.82 -10.30 50.80
CA GLN B 28 13.41 -11.35 49.97
C GLN B 28 13.27 -11.05 48.49
N LEU B 29 13.24 -9.77 48.13
CA LEU B 29 12.97 -9.38 46.75
C LEU B 29 14.23 -9.58 45.91
N ASN B 30 14.14 -10.48 44.93
CA ASN B 30 15.20 -10.69 43.96
C ASN B 30 14.74 -10.22 42.59
N ARG B 31 15.71 -10.03 41.70
CA ARG B 31 15.45 -9.52 40.36
C ARG B 31 16.57 -9.96 39.45
N TYR B 32 16.21 -10.39 38.24
CA TYR B 32 17.17 -10.86 37.26
C TYR B 32 16.82 -10.31 35.89
N PHE B 33 17.85 -10.04 35.10
CA PHE B 33 17.70 -9.68 33.70
C PHE B 33 18.62 -10.56 32.87
N GLY B 34 18.11 -11.05 31.74
CA GLY B 34 18.93 -11.76 30.78
C GLY B 34 18.58 -13.24 30.72
N GLU B 35 19.36 -13.95 29.91
CA GLU B 35 19.13 -15.35 29.59
C GLU B 35 20.02 -16.30 30.38
N GLY B 36 21.27 -15.93 30.64
CA GLY B 36 22.21 -16.83 31.27
C GLY B 36 22.84 -17.73 30.21
N GLU B 37 24.16 -17.64 29.97
CA GLU B 37 25.11 -16.85 30.76
C GLU B 37 24.92 -15.33 30.65
N ASN B 38 23.99 -14.90 29.80
CA ASN B 38 23.73 -13.48 29.63
C ASN B 38 22.90 -12.87 30.76
N ARG B 39 22.70 -13.58 31.86
CA ARG B 39 21.83 -13.11 32.94
C ARG B 39 22.65 -12.46 34.04
N VAL B 40 22.05 -11.45 34.67
CA VAL B 40 22.70 -10.65 35.70
C VAL B 40 21.79 -10.54 36.91
N HIS B 41 22.39 -10.65 38.10
CA HIS B 41 21.68 -10.49 39.36
C HIS B 41 21.68 -9.01 39.72
N VAL B 42 20.50 -8.38 39.72
CA VAL B 42 20.39 -6.94 39.77
C VAL B 42 19.86 -6.45 41.11
N LEU B 43 18.92 -7.18 41.71
CA LEU B 43 18.48 -6.94 43.09
C LEU B 43 18.60 -8.25 43.84
N LYS B 44 19.34 -8.23 44.95
CA LYS B 44 19.76 -9.45 45.65
C LYS B 44 19.15 -9.47 47.04
N ASP B 45 18.11 -10.30 47.22
CA ASP B 45 17.51 -10.58 48.53
C ASP B 45 17.35 -9.32 49.37
N ILE B 46 16.97 -8.21 48.76
CA ILE B 46 16.84 -6.96 49.49
C ILE B 46 15.50 -6.96 50.21
N SER B 47 15.54 -6.67 51.52
CA SER B 47 14.35 -6.55 52.34
C SER B 47 14.28 -5.13 52.88
N LEU B 48 13.21 -4.41 52.56
CA LEU B 48 13.08 -3.01 52.93
C LEU B 48 11.63 -2.71 53.30
N SER B 49 11.45 -2.02 54.43
CA SER B 49 10.15 -1.53 54.86
C SER B 49 10.25 -0.02 55.02
N ILE B 50 9.26 0.70 54.48
CA ILE B 50 9.23 2.15 54.53
C ILE B 50 8.02 2.58 55.33
N GLU B 51 8.24 3.44 56.31
CA GLU B 51 7.21 3.79 57.27
C GLU B 51 6.33 4.90 56.72
N ARG B 52 5.02 4.75 56.89
CA ARG B 52 4.06 5.66 56.29
C ARG B 52 4.34 7.10 56.69
N GLY B 53 4.41 7.99 55.70
CA GLY B 53 4.63 9.39 55.92
C GLY B 53 6.07 9.83 55.92
N ASP B 54 7.01 8.91 55.68
CA ASP B 54 8.42 9.24 55.75
C ASP B 54 8.84 10.06 54.52
N PHE B 55 10.08 10.54 54.58
CA PHE B 55 10.74 11.24 53.47
C PHE B 55 12.07 10.53 53.30
N VAL B 56 12.08 9.51 52.43
CA VAL B 56 13.22 8.62 52.28
C VAL B 56 13.99 9.04 51.03
N ALA B 57 15.31 9.12 51.16
CA ALA B 57 16.20 9.40 50.04
C ALA B 57 17.04 8.16 49.77
N ILE B 58 17.04 7.70 48.52
CA ILE B 58 17.83 6.55 48.11
C ILE B 58 19.04 7.06 47.34
N MET B 59 20.22 6.62 47.74
CA MET B 59 21.47 6.98 47.08
C MET B 59 22.21 5.71 46.68
N GLY B 60 23.12 5.85 45.72
CA GLY B 60 23.88 4.71 45.25
C GLY B 60 24.66 5.07 44.00
N GLN B 61 25.56 4.17 43.64
CA GLN B 61 26.37 4.37 42.45
C GLN B 61 25.57 3.96 41.21
N SER B 62 25.88 4.63 40.10
CA SER B 62 25.14 4.41 38.86
C SER B 62 24.99 2.93 38.56
N GLY B 63 23.78 2.52 38.21
CA GLY B 63 23.52 1.14 37.85
C GLY B 63 23.66 0.17 39.00
N SER B 64 23.13 0.53 40.17
CA SER B 64 23.20 -0.34 41.35
C SER B 64 21.85 -0.94 41.70
N GLY B 65 20.83 -0.74 40.87
CA GLY B 65 19.52 -1.29 41.10
C GLY B 65 18.49 -0.33 41.67
N LYS B 66 18.84 0.95 41.83
CA LYS B 66 17.91 1.90 42.45
C LYS B 66 16.62 2.01 41.64
N SER B 67 16.72 2.47 40.39
CA SER B 67 15.52 2.63 39.57
C SER B 67 14.77 1.31 39.43
N THR B 68 15.50 0.20 39.26
CA THR B 68 14.86 -1.11 39.23
C THR B 68 13.93 -1.29 40.41
N LEU B 69 14.40 -0.95 41.61
CA LEU B 69 13.57 -1.08 42.81
C LEU B 69 12.36 -0.15 42.74
N MET B 70 12.59 1.13 42.43
CA MET B 70 11.50 2.09 42.35
C MET B 70 10.37 1.57 41.48
N ASN B 71 10.70 0.93 40.35
CA ASN B 71 9.69 0.44 39.44
C ASN B 71 8.86 -0.67 40.09
N ILE B 72 9.52 -1.58 40.82
CA ILE B 72 8.80 -2.64 41.51
C ILE B 72 7.98 -2.09 42.66
N ILE B 73 8.34 -0.89 43.16
CA ILE B 73 7.53 -0.26 44.19
C ILE B 73 6.29 0.39 43.58
N GLY B 74 6.48 1.15 42.50
CA GLY B 74 5.38 1.82 41.84
C GLY B 74 4.51 0.96 40.96
N CYS B 75 4.80 -0.34 40.88
CA CYS B 75 4.00 -1.29 40.10
C CYS B 75 4.14 -1.05 38.60
N LEU B 76 5.38 -0.82 38.15
CA LEU B 76 5.69 -0.76 36.73
C LEU B 76 6.52 -1.94 36.25
N ASP B 77 7.20 -2.62 37.17
CA ASP B 77 7.91 -3.87 36.90
C ASP B 77 7.28 -4.94 37.79
N THR B 78 7.91 -6.11 37.84
CA THR B 78 7.49 -7.16 38.76
C THR B 78 8.71 -8.01 39.10
N ALA B 79 9.02 -8.11 40.39
CA ALA B 79 10.23 -8.78 40.83
C ALA B 79 10.21 -10.25 40.41
N THR B 80 11.42 -10.81 40.29
CA THR B 80 11.54 -12.24 39.96
C THR B 80 11.02 -13.10 41.09
N GLY B 81 11.41 -12.78 42.33
CA GLY B 81 10.96 -13.51 43.49
C GLY B 81 10.83 -12.57 44.67
N GLY B 82 10.20 -13.08 45.72
CA GLY B 82 10.00 -12.31 46.93
C GLY B 82 8.70 -11.54 46.90
N SER B 83 8.36 -10.97 48.06
CA SER B 83 7.11 -10.28 48.25
C SER B 83 7.30 -8.77 48.19
N SER B 84 6.24 -8.08 47.76
CA SER B 84 6.19 -6.62 47.78
C SER B 84 4.75 -6.24 48.04
N LYS B 85 4.51 -5.44 49.07
CA LYS B 85 3.17 -5.19 49.56
C LYS B 85 2.96 -3.70 49.75
N ILE B 86 1.90 -3.17 49.16
CA ILE B 86 1.48 -1.79 49.34
C ILE B 86 0.30 -1.78 50.28
N ASP B 87 0.42 -1.06 51.40
CA ASP B 87 -0.59 -1.08 52.45
C ASP B 87 -0.93 -2.51 52.85
N GLY B 88 0.10 -3.37 52.90
CA GLY B 88 -0.06 -4.73 53.32
C GLY B 88 -0.67 -5.66 52.29
N LYS B 89 -1.08 -5.15 51.13
CA LYS B 89 -1.71 -5.97 50.10
C LYS B 89 -0.64 -6.44 49.11
N GLU B 90 -0.39 -7.74 49.08
CA GLU B 90 0.56 -8.30 48.14
C GLU B 90 0.26 -7.81 46.73
N THR B 91 1.28 -7.25 46.07
CA THR B 91 1.06 -6.58 44.80
C THR B 91 0.80 -7.57 43.67
N ILE B 92 1.55 -8.67 43.63
CA ILE B 92 1.43 -9.62 42.52
C ILE B 92 0.02 -10.19 42.47
N GLU B 93 -0.62 -10.37 43.64
CA GLU B 93 -1.92 -11.01 43.70
C GLU B 93 -3.06 -10.08 43.34
N LEU B 94 -2.84 -8.77 43.37
CA LEU B 94 -3.84 -7.81 42.92
C LEU B 94 -4.26 -8.13 41.48
N THR B 95 -5.35 -7.55 41.03
CA THR B 95 -5.78 -7.70 39.64
C THR B 95 -5.19 -6.57 38.79
N ASN B 96 -5.33 -6.70 37.47
CA ASN B 96 -4.76 -5.71 36.57
C ASN B 96 -5.44 -4.35 36.75
N ASP B 97 -6.77 -4.35 36.85
CA ASP B 97 -7.47 -3.09 37.08
C ASP B 97 -7.11 -2.49 38.43
N GLN B 98 -6.96 -3.33 39.45
CA GLN B 98 -6.57 -2.85 40.77
C GLN B 98 -5.21 -2.15 40.72
N LEU B 99 -4.24 -2.76 40.03
CA LEU B 99 -2.91 -2.16 39.92
C LEU B 99 -3.00 -0.78 39.26
N SER B 100 -3.77 -0.66 38.18
CA SER B 100 -3.91 0.64 37.52
C SER B 100 -4.44 1.69 38.50
N ASP B 101 -5.35 1.30 39.40
CA ASP B 101 -5.85 2.23 40.40
C ASP B 101 -4.71 2.78 41.25
N LEU B 102 -3.80 1.91 41.67
CA LEU B 102 -2.67 2.35 42.49
C LEU B 102 -1.81 3.36 41.74
N ARG B 103 -1.47 3.07 40.48
CA ARG B 103 -0.62 3.97 39.71
C ARG B 103 -1.31 5.30 39.43
N SER B 104 -2.63 5.36 39.56
CA SER B 104 -3.37 6.59 39.29
C SER B 104 -3.47 7.50 40.50
N GLN B 105 -3.55 6.95 41.71
CA GLN B 105 -3.97 7.73 42.87
C GLN B 105 -3.09 7.54 44.10
N LYS B 106 -2.52 6.35 44.29
CA LYS B 106 -1.58 6.19 45.40
C LYS B 106 -0.18 6.63 44.98
N PHE B 107 0.26 6.20 43.81
CA PHE B 107 1.61 6.50 43.32
C PHE B 107 1.60 7.74 42.44
N GLY B 108 2.51 8.66 42.71
CA GLY B 108 2.85 9.72 41.79
C GLY B 108 4.31 9.58 41.40
N PHE B 109 4.59 9.34 40.12
CA PHE B 109 5.89 8.87 39.69
C PHE B 109 6.58 9.95 38.86
N ILE B 110 7.82 10.28 39.23
CA ILE B 110 8.67 11.19 38.49
C ILE B 110 9.74 10.35 37.82
N PHE B 111 9.61 10.13 36.52
CA PHE B 111 10.54 9.27 35.80
C PHE B 111 11.90 9.94 35.66
N GLN B 112 12.96 9.13 35.77
CA GLN B 112 14.31 9.65 35.61
C GLN B 112 14.40 10.36 34.26
N ARG B 113 14.35 9.59 33.18
CA ARG B 113 14.13 10.15 31.85
C ARG B 113 12.64 10.49 31.73
N TYR B 114 12.34 11.76 31.50
CA TYR B 114 11.09 12.35 31.99
C TYR B 114 9.84 11.68 31.43
N ASN B 115 9.92 11.04 30.27
CA ASN B 115 8.83 10.21 29.74
C ASN B 115 7.54 11.03 29.57
N LEU B 116 7.64 12.13 28.84
CA LEU B 116 6.46 12.89 28.46
C LEU B 116 5.88 12.33 27.15
N LEU B 117 4.73 12.88 26.75
CA LEU B 117 4.18 12.63 25.43
C LEU B 117 4.54 13.81 24.53
N SER B 118 5.26 13.52 23.45
CA SER B 118 5.84 14.58 22.62
C SER B 118 4.79 15.36 21.83
N SER B 119 3.57 14.83 21.71
CA SER B 119 2.52 15.53 20.96
C SER B 119 1.68 16.45 21.84
N LEU B 120 1.65 16.22 23.14
CA LEU B 120 0.83 17.04 24.05
C LEU B 120 1.62 18.25 24.51
N THR B 121 0.89 19.31 24.87
CA THR B 121 1.50 20.49 25.44
C THR B 121 2.03 20.17 26.84
N ALA B 122 2.65 21.18 27.47
CA ALA B 122 3.03 21.05 28.87
C ALA B 122 1.80 20.76 29.73
N ALA B 123 0.82 21.66 29.71
CA ALA B 123 -0.39 21.48 30.51
C ALA B 123 -1.07 20.16 30.19
N GLU B 124 -1.24 19.85 28.90
CA GLU B 124 -1.89 18.61 28.52
C GLU B 124 -1.17 17.40 29.11
N ASN B 125 0.16 17.44 29.14
CA ASN B 125 0.93 16.31 29.67
C ASN B 125 0.75 16.18 31.19
N VAL B 126 0.51 17.30 31.88
CA VAL B 126 0.34 17.25 33.33
C VAL B 126 -1.02 16.66 33.68
N ALA B 127 -2.08 17.08 32.98
CA ALA B 127 -3.43 16.69 33.33
C ALA B 127 -3.78 15.27 32.87
N LEU B 128 -3.02 14.70 31.93
CA LEU B 128 -3.31 13.37 31.41
C LEU B 128 -3.65 12.34 32.49
N PRO B 129 -2.84 12.13 33.53
CA PRO B 129 -3.19 11.13 34.55
C PRO B 129 -4.52 11.40 35.21
N ALA B 130 -5.00 12.64 35.19
CA ALA B 130 -6.27 12.97 35.84
C ALA B 130 -7.47 12.62 35.00
N ILE B 131 -7.31 12.42 33.69
CA ILE B 131 -8.42 12.00 32.86
C ILE B 131 -8.87 10.59 33.25
N TYR B 132 -7.92 9.66 33.37
CA TYR B 132 -8.25 8.30 33.78
C TYR B 132 -8.75 8.25 35.22
N ALA B 133 -8.39 9.23 36.04
CA ALA B 133 -9.02 9.36 37.35
C ALA B 133 -10.48 9.74 37.20
N GLY B 134 -10.76 10.78 36.40
CA GLY B 134 -12.11 11.08 36.01
C GLY B 134 -12.62 12.43 36.50
N MET B 135 -11.74 13.50 36.42
CA MET B 135 -12.26 14.80 36.82
C MET B 135 -12.59 15.64 35.59
N PRO B 136 -13.50 16.61 35.73
CA PRO B 136 -13.90 17.41 34.57
C PRO B 136 -12.71 18.09 33.89
N GLN B 137 -12.85 18.28 32.57
CA GLN B 137 -11.77 18.88 31.78
C GLN B 137 -11.46 20.30 32.23
N SER B 138 -12.47 21.05 32.69
CA SER B 138 -12.24 22.43 33.07
C SER B 138 -11.38 22.51 34.33
N GLN B 139 -11.63 21.61 35.29
CA GLN B 139 -10.82 21.60 36.51
C GLN B 139 -9.37 21.24 36.22
N ARG B 140 -9.13 20.38 35.22
CA ARG B 140 -7.80 19.86 35.00
C ARG B 140 -6.82 20.94 34.57
N LEU B 141 -7.16 21.69 33.52
CA LEU B 141 -6.21 22.65 32.96
C LEU B 141 -5.88 23.76 33.95
N GLU B 142 -6.83 24.14 34.80
CA GLU B 142 -6.54 25.17 35.80
C GLU B 142 -5.55 24.66 36.84
N ARG B 143 -5.76 23.44 37.33
CA ARG B 143 -4.80 22.84 38.24
C ARG B 143 -3.46 22.63 37.56
N ALA B 144 -3.46 21.94 36.42
CA ALA B 144 -2.24 21.72 35.67
C ALA B 144 -1.52 23.04 35.40
N LYS B 145 -2.28 24.11 35.16
CA LYS B 145 -1.67 25.42 34.96
C LYS B 145 -1.10 25.97 36.26
N GLN B 146 -1.71 25.61 37.40
CA GLN B 146 -1.18 26.06 38.69
C GLN B 146 0.05 25.28 39.11
N LEU B 147 0.04 23.96 38.89
CA LEU B 147 1.24 23.16 39.16
C LEU B 147 2.43 23.68 38.38
N LEU B 148 2.21 24.08 37.12
CA LEU B 148 3.29 24.69 36.35
C LEU B 148 3.62 26.09 36.86
N GLU B 149 2.69 26.75 37.54
CA GLU B 149 3.00 28.05 38.14
C GLU B 149 3.89 27.88 39.36
N LYS B 150 3.58 26.91 40.22
CA LYS B 150 4.44 26.62 41.35
C LYS B 150 5.85 26.29 40.88
N LEU B 151 5.98 25.40 39.91
CA LEU B 151 7.27 24.93 39.44
C LEU B 151 7.91 25.85 38.41
N GLY B 152 7.40 27.07 38.24
CA GLY B 152 8.06 28.06 37.41
C GLY B 152 7.92 27.85 35.92
N LEU B 153 6.83 27.22 35.48
CA LEU B 153 6.59 26.98 34.06
C LEU B 153 5.29 27.59 33.56
N GLY B 154 4.64 28.43 34.36
CA GLY B 154 3.40 29.06 33.92
C GLY B 154 3.55 29.82 32.62
N ASP B 155 4.75 30.36 32.37
CA ASP B 155 5.02 31.04 31.11
C ASP B 155 4.99 30.09 29.92
N LYS B 156 5.18 28.79 30.15
CA LYS B 156 5.40 27.81 29.08
C LYS B 156 4.34 26.72 29.09
N TRP B 157 3.14 27.01 29.58
CA TRP B 157 2.13 25.98 29.73
C TRP B 157 1.67 25.40 28.39
N GLN B 158 1.88 26.14 27.28
CA GLN B 158 1.47 25.65 25.97
C GLN B 158 2.57 24.91 25.22
N ASN B 159 3.84 25.17 25.55
CA ASN B 159 4.93 24.53 24.81
C ASN B 159 4.83 23.01 24.91
N LYS B 160 5.23 22.35 23.84
CA LYS B 160 5.32 20.90 23.84
C LYS B 160 6.69 20.47 24.34
N PRO B 161 6.84 19.20 24.73
CA PRO B 161 8.15 18.76 25.25
C PRO B 161 9.34 19.19 24.42
N ASN B 162 9.32 18.94 23.12
CA ASN B 162 10.45 19.33 22.27
C ASN B 162 10.60 20.83 22.12
N GLN B 163 9.71 21.63 22.74
CA GLN B 163 9.87 23.08 22.80
C GLN B 163 10.26 23.55 24.20
N LEU B 164 10.87 22.66 24.99
CA LEU B 164 11.26 22.98 26.36
C LEU B 164 12.67 22.46 26.60
N SER B 165 13.40 23.14 27.48
CA SER B 165 14.68 22.63 27.92
C SER B 165 14.49 21.37 28.75
N GLY B 166 15.57 20.59 28.88
CA GLY B 166 15.51 19.41 29.72
C GLY B 166 15.01 19.73 31.11
N GLY B 167 15.58 20.74 31.76
CA GLY B 167 15.16 21.12 33.09
C GLY B 167 13.68 21.47 33.17
N GLN B 168 13.14 22.05 32.10
CA GLN B 168 11.71 22.35 32.06
C GLN B 168 10.90 21.08 31.87
N GLN B 169 11.32 20.22 30.93
CA GLN B 169 10.66 18.93 30.77
C GLN B 169 10.64 18.17 32.08
N GLN B 170 11.74 18.24 32.85
CA GLN B 170 11.78 17.59 34.15
C GLN B 170 10.68 18.12 35.07
N ARG B 171 10.60 19.44 35.21
CA ARG B 171 9.57 20.03 36.05
C ARG B 171 8.17 19.68 35.55
N VAL B 172 7.99 19.58 34.23
CA VAL B 172 6.71 19.11 33.69
C VAL B 172 6.40 17.73 34.25
N SER B 173 7.37 16.81 34.17
CA SER B 173 7.15 15.48 34.73
C SER B 173 6.80 15.55 36.21
N ILE B 174 7.41 16.48 36.94
CA ILE B 174 7.08 16.65 38.37
C ILE B 174 5.60 17.02 38.51
N ALA B 175 5.17 18.06 37.80
CA ALA B 175 3.78 18.48 37.87
C ALA B 175 2.83 17.32 37.62
N ARG B 176 3.15 16.47 36.65
CA ARG B 176 2.29 15.33 36.34
C ARG B 176 2.15 14.43 37.57
N ALA B 177 3.26 14.13 38.24
CA ALA B 177 3.21 13.23 39.38
C ALA B 177 2.38 13.81 40.52
N LEU B 178 2.29 15.14 40.60
CA LEU B 178 1.49 15.80 41.61
C LEU B 178 0.07 16.10 41.17
N MET B 179 -0.28 15.77 39.91
CA MET B 179 -1.59 16.15 39.39
C MET B 179 -2.71 15.42 40.11
N ASN B 180 -2.58 14.11 40.29
CA ASN B 180 -3.58 13.32 40.99
C ASN B 180 -3.39 13.35 42.51
N GLY B 181 -2.49 14.18 43.01
CA GLY B 181 -2.31 14.28 44.46
C GLY B 181 -2.08 12.94 45.13
N GLY B 182 -1.25 12.09 44.51
CA GLY B 182 -1.02 10.77 45.07
C GLY B 182 -0.38 10.82 46.44
N GLU B 183 -0.74 9.85 47.28
CA GLU B 183 -0.13 9.75 48.60
C GLU B 183 1.38 9.59 48.50
N ILE B 184 1.83 8.52 47.85
CA ILE B 184 3.24 8.27 47.65
C ILE B 184 3.75 9.11 46.48
N ILE B 185 5.03 9.49 46.53
CA ILE B 185 5.67 10.29 45.48
C ILE B 185 7.01 9.63 45.20
N LEU B 186 7.05 8.70 44.25
CA LEU B 186 8.30 8.10 43.81
C LEU B 186 8.98 9.03 42.83
N ALA B 187 10.17 9.53 43.20
CA ALA B 187 10.85 10.56 42.42
C ALA B 187 12.26 10.05 42.08
N ASP B 188 12.42 9.53 40.87
CA ASP B 188 13.71 9.05 40.40
C ASP B 188 14.53 10.24 39.91
N GLN B 189 15.42 10.73 40.76
CA GLN B 189 16.31 11.83 40.44
C GLN B 189 15.55 13.05 39.90
N PRO B 190 14.64 13.61 40.69
CA PRO B 190 13.78 14.70 40.20
C PRO B 190 14.47 16.05 40.11
N THR B 191 15.75 16.15 40.42
CA THR B 191 16.48 17.40 40.35
C THR B 191 17.63 17.39 39.35
N GLY B 192 17.98 16.22 38.81
CA GLY B 192 19.18 16.04 37.99
C GLY B 192 19.53 17.18 37.06
N ALA B 193 18.56 17.72 36.34
CA ALA B 193 18.79 18.75 35.33
C ALA B 193 18.35 20.13 35.78
N LEU B 194 18.27 20.38 37.08
CA LEU B 194 17.76 21.63 37.61
C LEU B 194 18.84 22.39 38.36
N ASP B 195 18.84 23.70 38.19
CA ASP B 195 19.75 24.58 38.92
C ASP B 195 19.41 24.54 40.42
N SER B 196 20.21 25.24 41.21
CA SER B 196 19.99 25.26 42.65
C SER B 196 18.68 25.94 43.01
N HIS B 197 18.39 27.08 42.37
CA HIS B 197 17.15 27.79 42.66
C HIS B 197 15.94 26.95 42.27
N SER B 198 15.85 26.59 40.98
CA SER B 198 14.75 25.73 40.54
C SER B 198 14.72 24.44 41.35
N GLY B 199 15.89 23.90 41.68
CA GLY B 199 15.93 22.66 42.45
C GLY B 199 15.44 22.84 43.87
N GLU B 200 15.78 23.97 44.50
CA GLU B 200 15.34 24.21 45.87
C GLU B 200 13.82 24.35 45.91
N ASN B 201 13.25 25.16 45.01
CA ASN B 201 11.80 25.30 44.94
C ASN B 201 11.12 23.94 44.85
N VAL B 202 11.65 23.05 44.00
CA VAL B 202 11.10 21.70 43.91
C VAL B 202 11.14 21.03 45.27
N MET B 203 12.20 21.26 46.03
CA MET B 203 12.32 20.64 47.35
C MET B 203 11.41 21.32 48.36
N GLU B 204 11.25 22.64 48.24
CA GLU B 204 10.20 23.33 48.98
C GLU B 204 8.84 22.66 48.73
N ILE B 205 8.55 22.39 47.45
CA ILE B 205 7.28 21.73 47.11
C ILE B 205 7.19 20.37 47.79
N LEU B 206 8.22 19.53 47.61
CA LEU B 206 8.16 18.18 48.17
C LEU B 206 8.11 18.20 49.68
N ARG B 207 8.82 19.12 50.32
CA ARG B 207 8.77 19.23 51.78
C ARG B 207 7.35 19.54 52.24
N GLN B 208 6.71 20.52 51.61
CA GLN B 208 5.36 20.91 52.02
C GLN B 208 4.35 19.78 51.77
N LEU B 209 4.66 18.86 50.86
CA LEU B 209 3.79 17.71 50.69
C LEU B 209 4.04 16.68 51.77
N HIS B 210 5.31 16.45 52.13
CA HIS B 210 5.64 15.67 53.31
C HIS B 210 4.93 16.21 54.53
N GLU B 211 4.95 17.54 54.70
CA GLU B 211 4.34 18.17 55.85
C GLU B 211 2.83 17.98 55.87
N GLU B 212 2.22 17.78 54.71
CA GLU B 212 0.77 17.62 54.60
C GLU B 212 0.32 16.17 54.67
N GLY B 213 1.24 15.24 54.98
CA GLY B 213 0.90 13.84 55.12
C GLY B 213 1.35 12.93 53.98
N HIS B 214 2.11 13.45 53.02
CA HIS B 214 2.54 12.63 51.89
C HIS B 214 3.79 11.82 52.25
N THR B 215 3.97 10.72 51.53
CA THR B 215 5.14 9.88 51.63
C THR B 215 6.04 10.13 50.43
N ILE B 216 7.34 10.30 50.67
CA ILE B 216 8.30 10.61 49.62
C ILE B 216 9.38 9.54 49.61
N ILE B 217 9.66 9.01 48.43
CA ILE B 217 10.80 8.13 48.20
C ILE B 217 11.53 8.69 46.99
N MET B 218 12.75 9.15 47.20
CA MET B 218 13.44 9.98 46.21
C MET B 218 14.85 9.43 45.99
N VAL B 219 15.16 9.10 44.74
CA VAL B 219 16.53 8.77 44.35
C VAL B 219 17.24 10.06 44.00
N THR B 220 18.51 10.15 44.34
CA THR B 220 19.28 11.34 44.02
C THR B 220 20.76 11.07 44.30
N HIS B 221 21.60 11.99 43.82
CA HIS B 221 23.02 12.02 44.11
C HIS B 221 23.46 13.30 44.79
N ASP B 222 22.75 14.40 44.57
CA ASP B 222 23.04 15.66 45.24
C ASP B 222 22.75 15.51 46.73
N LYS B 223 23.77 15.73 47.55
CA LYS B 223 23.61 15.57 48.99
C LYS B 223 22.71 16.65 49.58
N HIS B 224 22.88 17.89 49.14
CA HIS B 224 22.01 18.96 49.62
C HIS B 224 20.54 18.60 49.44
N ILE B 225 20.23 17.90 48.35
CA ILE B 225 18.86 17.43 48.14
C ILE B 225 18.51 16.38 49.19
N ALA B 226 19.33 15.33 49.30
CA ALA B 226 19.09 14.28 50.28
C ALA B 226 18.97 14.82 51.70
N ALA B 227 19.43 16.05 51.94
CA ALA B 227 19.30 16.65 53.27
C ALA B 227 17.84 16.87 53.64
N SER B 228 17.01 17.24 52.66
CA SER B 228 15.59 17.49 52.91
C SER B 228 14.86 16.22 53.35
N ALA B 229 15.55 15.09 53.37
CA ALA B 229 14.95 13.81 53.71
C ALA B 229 15.26 13.43 55.16
N ASN B 230 14.36 12.64 55.74
CA ASN B 230 14.53 12.14 57.10
C ASN B 230 15.32 10.84 57.15
N ARG B 231 15.26 10.03 56.09
CA ARG B 231 15.93 8.75 56.04
C ARG B 231 16.72 8.64 54.73
N ILE B 232 17.88 8.01 54.80
CA ILE B 232 18.79 7.92 53.65
C ILE B 232 19.32 6.50 53.56
N ILE B 233 18.86 5.76 52.57
CA ILE B 233 19.36 4.43 52.27
C ILE B 233 20.45 4.55 51.20
N GLU B 234 21.39 3.60 51.22
CA GLU B 234 22.44 3.55 50.20
C GLU B 234 22.46 2.16 49.60
N ILE B 235 22.31 2.08 48.28
CA ILE B 235 22.34 0.82 47.55
C ILE B 235 23.68 0.69 46.84
N LYS B 236 24.16 -0.55 46.72
CA LYS B 236 25.39 -0.83 45.99
C LYS B 236 25.39 -2.30 45.59
N ASP B 237 25.60 -2.56 44.31
CA ASP B 237 25.69 -3.91 43.78
C ASP B 237 24.46 -4.74 44.17
N GLY B 238 23.29 -4.17 43.89
CA GLY B 238 22.04 -4.88 44.11
C GLY B 238 21.71 -5.17 45.55
N GLU B 239 22.47 -4.62 46.49
CA GLU B 239 22.25 -4.85 47.91
C GLU B 239 22.21 -3.52 48.64
N ILE B 240 21.67 -3.57 49.85
CA ILE B 240 21.40 -2.37 50.64
C ILE B 240 22.47 -2.25 51.72
N ILE B 241 23.10 -1.08 51.81
CA ILE B 241 24.28 -0.87 52.66
C ILE B 241 23.93 -0.04 53.89
N SER B 242 23.54 1.21 53.70
CA SER B 242 23.30 2.14 54.79
C SER B 242 21.82 2.22 55.12
N ASP B 243 21.53 2.69 56.33
CA ASP B 243 20.16 2.96 56.75
C ASP B 243 20.24 3.94 57.91
N THR B 244 19.77 5.18 57.67
CA THR B 244 19.96 6.28 58.59
C THR B 244 18.65 7.04 58.76
N GLN B 245 18.34 7.39 60.00
CA GLN B 245 17.19 8.24 60.31
C GLN B 245 17.61 9.36 61.24
N LYS B 246 17.16 10.58 60.94
CA LYS B 246 17.43 11.71 61.83
C LYS B 246 16.49 11.69 63.02
N ARG B 247 15.19 11.60 62.77
CA ARG B 247 14.17 11.58 63.80
C ARG B 247 13.39 10.28 63.73
N GLN B 248 12.62 10.03 64.79
CA GLN B 248 11.54 9.06 64.67
C GLN B 248 10.42 9.66 63.83
N VAL B 249 9.55 8.79 63.33
CA VAL B 249 8.54 9.19 62.35
C VAL B 249 7.17 9.23 63.04
N LYS B 250 6.50 10.38 62.91
CA LYS B 250 5.12 10.51 63.35
C LYS B 250 4.30 9.33 62.84
N SER B 251 3.38 8.85 63.68
CA SER B 251 2.51 7.77 63.26
C SER B 251 1.36 8.33 62.41
N ALA B 252 0.77 7.45 61.60
CA ALA B 252 -0.30 7.86 60.71
C ALA B 252 -1.15 6.64 60.38
N VAL B 253 -2.47 6.81 60.46
CA VAL B 253 -3.41 5.77 60.07
C VAL B 253 -3.58 5.82 58.55
N LYS B 254 -3.64 4.65 57.93
CA LYS B 254 -3.65 4.59 56.47
C LYS B 254 -4.93 5.19 55.90
N ASN B 255 -4.78 5.89 54.76
CA ASN B 255 -5.91 6.45 54.02
C ASN B 255 -6.91 5.34 53.72
N PRO B 256 -8.17 5.66 53.39
CA PRO B 256 -9.18 4.60 53.30
C PRO B 256 -8.81 3.55 52.28
N SER B 257 -8.74 3.94 51.00
CA SER B 257 -8.37 3.05 49.91
C SER B 257 -8.71 3.69 48.58
N VAL B 258 -8.10 3.20 47.50
CA VAL B 258 -8.39 3.67 46.14
C VAL B 258 -8.64 2.44 45.29
N PHE B 259 -9.90 2.01 45.21
CA PHE B 259 -10.27 0.86 44.39
C PHE B 259 -11.65 1.14 43.80
N LYS B 260 -11.73 1.10 42.48
CA LYS B 260 -12.96 1.40 41.74
C LYS B 260 -13.40 0.11 41.05
N GLY B 261 -14.48 -0.49 41.56
CA GLY B 261 -15.00 -1.71 40.97
C GLY B 261 -15.79 -1.44 39.71
N LYS B 267 -19.43 5.71 31.00
CA LYS B 267 -20.12 6.43 29.94
C LYS B 267 -19.31 7.66 29.52
N ASP B 268 -19.11 8.59 30.46
CA ASP B 268 -18.21 9.71 30.21
C ASP B 268 -16.81 9.21 29.88
N GLN B 269 -16.45 8.02 30.36
CA GLN B 269 -15.17 7.42 30.04
C GLN B 269 -14.94 7.37 28.54
N LEU B 270 -16.00 7.20 27.76
CA LEU B 270 -15.88 7.10 26.31
C LEU B 270 -15.88 8.47 25.63
N MET B 271 -16.60 9.44 26.18
CA MET B 271 -16.50 10.81 25.68
C MET B 271 -15.04 11.28 25.69
N GLU B 272 -14.33 11.02 26.79
CA GLU B 272 -12.92 11.38 26.86
C GLU B 272 -12.10 10.57 25.86
N ALA B 273 -12.26 9.25 25.88
CA ALA B 273 -11.54 8.40 24.93
C ALA B 273 -11.69 8.91 23.51
N PHE B 274 -12.89 9.37 23.15
CA PHE B 274 -13.11 9.89 21.81
C PHE B 274 -12.30 11.15 21.58
N ARG B 275 -12.34 12.09 22.53
CA ARG B 275 -11.57 13.32 22.39
C ARG B 275 -10.08 13.02 22.23
N MET B 276 -9.57 12.06 23.00
CA MET B 276 -8.15 11.70 22.91
C MET B 276 -7.82 11.15 21.53
N SER B 277 -8.70 10.33 20.98
CA SER B 277 -8.42 9.67 19.71
C SER B 277 -8.40 10.66 18.55
N VAL B 278 -9.29 11.65 18.58
CA VAL B 278 -9.27 12.69 17.54
C VAL B 278 -7.96 13.45 17.60
N SER B 279 -7.63 13.99 18.78
CA SER B 279 -6.37 14.71 18.95
C SER B 279 -5.19 13.89 18.44
N ALA B 280 -5.07 12.65 18.92
CA ALA B 280 -4.01 11.75 18.46
C ALA B 280 -3.96 11.71 16.94
N ILE B 281 -5.11 11.53 16.30
CA ILE B 281 -5.15 11.42 14.85
C ILE B 281 -4.67 12.72 14.20
N VAL B 282 -5.14 13.87 14.71
CA VAL B 282 -4.71 15.14 14.16
C VAL B 282 -3.22 15.35 14.40
N ALA B 283 -2.72 14.87 15.54
CA ALA B 283 -1.30 15.04 15.84
C ALA B 283 -0.43 14.32 14.82
N HIS B 284 -0.75 13.05 14.54
CA HIS B 284 0.00 12.25 13.58
C HIS B 284 -0.68 12.33 12.20
N LYS B 285 -0.57 13.52 11.61
CA LYS B 285 -1.26 13.77 10.34
C LYS B 285 -0.80 12.79 9.26
N MET B 286 0.50 12.52 9.20
CA MET B 286 1.01 11.63 8.16
C MET B 286 0.52 10.20 8.36
N ARG B 287 0.88 9.59 9.48
CA ARG B 287 0.42 8.23 9.78
C ARG B 287 -1.08 8.11 9.54
N SER B 288 -1.84 9.07 10.06
CA SER B 288 -3.29 9.03 9.89
C SER B 288 -3.67 9.10 8.42
N LEU B 289 -3.20 10.14 7.72
CA LEU B 289 -3.54 10.31 6.31
C LEU B 289 -3.13 9.09 5.49
N LEU B 290 -1.89 8.62 5.67
CA LEU B 290 -1.45 7.45 4.93
C LEU B 290 -2.33 6.24 5.22
N THR B 291 -2.62 5.99 6.49
CA THR B 291 -3.47 4.86 6.86
C THR B 291 -4.81 4.92 6.12
N MET B 292 -5.55 6.02 6.29
CA MET B 292 -6.84 6.13 5.61
C MET B 292 -6.67 6.05 4.11
N LEU B 293 -5.54 6.54 3.59
CA LEU B 293 -5.27 6.46 2.16
C LEU B 293 -5.03 5.04 1.72
N GLY B 294 -4.51 4.18 2.61
CA GLY B 294 -4.38 2.78 2.31
C GLY B 294 -5.72 2.07 2.29
N ILE B 295 -6.67 2.54 3.11
CA ILE B 295 -8.01 1.98 3.09
C ILE B 295 -8.76 2.50 1.87
N ILE B 296 -8.54 3.76 1.51
CA ILE B 296 -9.21 4.34 0.34
C ILE B 296 -8.97 3.49 -0.89
N ILE B 297 -7.71 3.10 -1.12
CA ILE B 297 -7.37 2.36 -2.33
C ILE B 297 -7.94 0.95 -2.27
N GLY B 298 -7.71 0.24 -1.17
CA GLY B 298 -8.20 -1.11 -1.02
C GLY B 298 -9.67 -1.27 -1.32
N ILE B 299 -10.40 -0.15 -1.33
CA ILE B 299 -11.82 -0.13 -1.67
C ILE B 299 -11.95 0.16 -3.16
N THR B 300 -11.48 1.33 -3.58
CA THR B 300 -11.68 1.77 -4.97
C THR B 300 -11.06 0.80 -5.96
N SER B 301 -9.93 0.19 -5.59
CA SER B 301 -9.28 -0.76 -6.50
C SER B 301 -10.16 -1.99 -6.71
N VAL B 302 -10.66 -2.59 -5.62
CA VAL B 302 -11.57 -3.71 -5.74
C VAL B 302 -12.81 -3.30 -6.52
N VAL B 303 -13.31 -2.09 -6.28
CA VAL B 303 -14.56 -1.65 -6.89
C VAL B 303 -14.35 -1.32 -8.36
N SER B 304 -13.19 -0.76 -8.71
CA SER B 304 -12.98 -0.31 -10.09
C SER B 304 -12.74 -1.47 -11.04
N VAL B 305 -12.20 -2.59 -10.55
CA VAL B 305 -11.97 -3.74 -11.43
C VAL B 305 -13.26 -4.53 -11.61
N VAL B 306 -14.07 -4.64 -10.55
CA VAL B 306 -15.37 -5.29 -10.68
C VAL B 306 -16.23 -4.53 -11.67
N ALA B 307 -16.19 -3.20 -11.62
CA ALA B 307 -17.03 -2.40 -12.51
C ALA B 307 -16.43 -2.28 -13.90
N LEU B 308 -15.11 -2.32 -14.03
CA LEU B 308 -14.50 -2.45 -15.35
C LEU B 308 -14.68 -3.86 -15.89
N GLY B 309 -14.71 -4.86 -15.02
CA GLY B 309 -14.93 -6.22 -15.48
C GLY B 309 -16.34 -6.42 -16.01
N ASN B 310 -17.33 -5.98 -15.24
CA ASN B 310 -18.72 -6.09 -15.69
C ASN B 310 -19.03 -5.18 -16.87
N GLY B 311 -18.23 -4.14 -17.08
CA GLY B 311 -18.43 -3.24 -18.19
C GLY B 311 -17.94 -3.82 -19.50
N SER B 312 -16.75 -4.44 -19.46
CA SER B 312 -16.22 -5.10 -20.65
C SER B 312 -16.91 -6.43 -20.95
N GLN B 313 -17.64 -6.98 -19.97
CA GLN B 313 -18.42 -8.19 -20.22
C GLN B 313 -19.71 -7.87 -20.97
N GLN B 314 -20.34 -6.73 -20.64
CA GLN B 314 -21.50 -6.28 -21.39
C GLN B 314 -21.14 -6.08 -22.87
N LYS B 315 -20.04 -5.39 -23.13
CA LYS B 315 -19.64 -5.13 -24.52
C LYS B 315 -19.27 -6.41 -25.25
N ILE B 316 -18.49 -7.28 -24.59
CA ILE B 316 -18.03 -8.51 -25.26
C ILE B 316 -19.23 -9.40 -25.58
N LEU B 317 -20.10 -9.62 -24.59
CA LEU B 317 -21.29 -10.42 -24.86
C LEU B 317 -22.18 -9.76 -25.90
N GLU B 318 -22.28 -8.44 -25.85
CA GLU B 318 -23.09 -7.71 -26.84
C GLU B 318 -22.50 -7.87 -28.23
N ASN B 319 -21.17 -7.78 -28.36
CA ASN B 319 -20.54 -7.99 -29.65
C ASN B 319 -20.72 -9.41 -30.16
N ILE B 320 -20.94 -10.38 -29.28
CA ILE B 320 -21.20 -11.75 -29.72
C ILE B 320 -22.67 -11.91 -30.11
N ARG B 321 -23.59 -11.34 -29.33
CA ARG B 321 -25.01 -11.43 -29.70
C ARG B 321 -25.28 -10.77 -31.04
N GLY B 322 -24.46 -9.79 -31.42
CA GLY B 322 -24.64 -9.08 -32.66
C GLY B 322 -23.99 -9.72 -33.87
N ILE B 323 -23.42 -10.92 -33.74
CA ILE B 323 -22.79 -11.60 -34.86
C ILE B 323 -23.79 -12.53 -35.52
N GLY B 324 -25.04 -12.44 -35.12
CA GLY B 324 -26.09 -13.36 -35.56
C GLY B 324 -27.02 -13.67 -34.41
N THR B 325 -28.15 -14.24 -34.75
CA THR B 325 -29.20 -14.56 -33.78
C THR B 325 -29.32 -16.07 -33.60
N ASN B 326 -30.15 -16.46 -32.65
CA ASN B 326 -30.53 -17.86 -32.45
C ASN B 326 -32.00 -18.01 -32.83
N THR B 327 -32.31 -19.02 -33.63
CA THR B 327 -33.63 -19.18 -34.20
C THR B 327 -34.02 -20.65 -34.20
N MET B 328 -35.30 -20.90 -34.44
CA MET B 328 -35.84 -22.25 -34.53
C MET B 328 -36.73 -22.31 -35.76
N THR B 329 -36.19 -22.86 -36.86
CA THR B 329 -36.95 -22.98 -38.10
C THR B 329 -37.84 -24.21 -38.04
N ILE B 330 -39.11 -24.03 -38.40
CA ILE B 330 -40.08 -25.12 -38.35
C ILE B 330 -40.33 -25.65 -39.76
N ASN B 346 -49.16 -28.26 -42.83
CA ASN B 346 -50.26 -27.67 -42.07
C ASN B 346 -49.74 -26.58 -41.15
N LEU B 347 -49.11 -25.57 -41.74
CA LEU B 347 -48.49 -24.45 -41.02
C LEU B 347 -49.03 -23.16 -41.61
N LYS B 348 -50.12 -22.64 -41.04
CA LYS B 348 -50.75 -21.44 -41.55
C LYS B 348 -50.41 -20.23 -40.69
N ILE B 349 -50.71 -19.05 -41.22
CA ILE B 349 -50.29 -17.80 -40.60
C ILE B 349 -50.82 -17.68 -39.17
N SER B 350 -51.96 -18.29 -38.87
CA SER B 350 -52.49 -18.23 -37.51
C SER B 350 -51.61 -19.01 -36.54
N ASP B 351 -50.80 -19.95 -37.03
CA ASP B 351 -49.79 -20.58 -36.17
C ASP B 351 -48.71 -19.58 -35.80
N ALA B 352 -48.02 -19.03 -36.80
CA ALA B 352 -47.00 -18.02 -36.55
C ALA B 352 -47.56 -16.76 -35.92
N ASN B 353 -48.88 -16.60 -35.86
CA ASN B 353 -49.47 -15.44 -35.20
C ASN B 353 -49.53 -15.64 -33.70
N THR B 354 -50.03 -16.79 -33.24
CA THR B 354 -50.04 -17.08 -31.81
C THR B 354 -48.64 -17.38 -31.29
N LEU B 355 -47.76 -17.89 -32.15
CA LEU B 355 -46.37 -18.11 -31.74
C LEU B 355 -45.70 -16.81 -31.31
N SER B 356 -46.09 -15.69 -31.92
CA SER B 356 -45.48 -14.40 -31.61
C SER B 356 -46.02 -13.78 -30.33
N LYS B 357 -47.03 -14.39 -29.71
CA LYS B 357 -47.68 -13.83 -28.52
C LYS B 357 -47.11 -14.42 -27.23
N GLN B 358 -45.86 -14.88 -27.27
CA GLN B 358 -45.19 -15.37 -26.08
C GLN B 358 -44.16 -14.34 -25.59
N SER B 359 -43.62 -14.59 -24.41
CA SER B 359 -42.49 -13.83 -23.90
C SER B 359 -41.16 -14.56 -24.09
N TYR B 360 -41.19 -15.84 -24.45
CA TYR B 360 -39.99 -16.58 -24.81
C TYR B 360 -39.78 -16.64 -26.32
N ILE B 361 -40.59 -15.91 -27.08
CA ILE B 361 -40.37 -15.69 -28.52
C ILE B 361 -40.61 -14.21 -28.78
N GLN B 362 -39.59 -13.52 -29.30
CA GLN B 362 -39.65 -12.08 -29.47
C GLN B 362 -39.91 -11.64 -30.91
N SER B 363 -39.83 -12.55 -31.88
CA SER B 363 -40.15 -12.22 -33.26
C SER B 363 -40.37 -13.50 -34.04
N VAL B 364 -41.15 -13.39 -35.13
CA VAL B 364 -41.57 -14.54 -35.91
C VAL B 364 -41.56 -14.16 -37.39
N THR B 365 -41.44 -15.18 -38.24
CA THR B 365 -41.43 -15.00 -39.69
C THR B 365 -42.06 -16.18 -40.42
N PRO B 366 -43.18 -15.98 -41.11
CA PRO B 366 -43.59 -16.96 -42.12
C PRO B 366 -42.62 -16.92 -43.29
N ASN B 367 -42.43 -18.09 -43.92
CA ASN B 367 -41.38 -18.25 -44.93
C ASN B 367 -41.92 -18.91 -46.18
N THR B 368 -41.36 -18.50 -47.32
CA THR B 368 -41.66 -19.07 -48.62
C THR B 368 -40.75 -18.41 -49.65
N SER B 369 -40.26 -19.18 -50.62
CA SER B 369 -39.26 -18.71 -51.57
C SER B 369 -39.76 -18.95 -53.00
N SER B 370 -38.95 -18.52 -53.96
CA SER B 370 -39.29 -18.67 -55.37
C SER B 370 -38.00 -18.60 -56.19
N SER B 371 -37.94 -19.40 -57.25
CA SER B 371 -36.79 -19.45 -58.15
C SER B 371 -37.27 -19.00 -59.53
N GLY B 372 -36.80 -17.85 -59.99
CA GLY B 372 -37.22 -17.28 -61.25
C GLY B 372 -36.13 -16.46 -61.89
N ILE B 373 -36.53 -15.46 -62.66
CA ILE B 373 -35.61 -14.65 -63.45
C ILE B 373 -35.92 -13.17 -63.21
N LEU B 374 -34.88 -12.35 -63.15
CA LEU B 374 -35.01 -10.92 -62.93
C LEU B 374 -34.56 -10.16 -64.17
N VAL B 375 -34.96 -8.89 -64.24
CA VAL B 375 -34.64 -8.05 -65.40
C VAL B 375 -34.45 -6.61 -64.95
N VAL B 376 -33.32 -6.02 -65.32
CA VAL B 376 -33.12 -4.57 -65.27
C VAL B 376 -32.21 -4.19 -66.43
N GLY B 377 -32.53 -3.09 -67.09
CA GLY B 377 -31.76 -2.64 -68.24
C GLY B 377 -31.84 -3.61 -69.40
N ALA B 384 -32.48 -16.22 -60.17
CA ALA B 384 -32.47 -15.41 -58.96
C ALA B 384 -33.38 -16.01 -57.90
N ASN B 385 -33.34 -15.43 -56.70
CA ASN B 385 -34.13 -15.92 -55.56
C ASN B 385 -34.90 -14.77 -54.95
N LEU B 386 -36.22 -14.95 -54.85
CA LEU B 386 -37.11 -13.98 -54.20
C LEU B 386 -37.68 -14.65 -52.96
N TYR B 387 -37.15 -14.28 -51.80
CA TYR B 387 -37.57 -14.89 -50.54
C TYR B 387 -38.82 -14.19 -50.02
N GLY B 388 -39.90 -14.95 -49.87
CA GLY B 388 -41.12 -14.43 -49.28
C GLY B 388 -41.05 -14.50 -47.77
N ILE B 389 -40.88 -13.35 -47.12
CA ILE B 389 -40.55 -13.30 -45.71
C ILE B 389 -41.59 -12.45 -44.99
N GLY B 390 -41.49 -12.44 -43.66
CA GLY B 390 -42.51 -11.89 -42.81
C GLY B 390 -42.20 -10.49 -42.31
N GLU B 391 -43.17 -9.93 -41.59
CA GLU B 391 -43.06 -8.57 -41.07
C GLU B 391 -41.74 -8.36 -40.33
N GLN B 392 -41.30 -9.35 -39.56
CA GLN B 392 -40.21 -9.19 -38.61
C GLN B 392 -38.97 -10.00 -39.00
N TYR B 393 -38.87 -10.46 -40.24
CA TYR B 393 -37.77 -11.34 -40.62
C TYR B 393 -36.42 -10.67 -40.43
N PHE B 394 -36.33 -9.36 -40.66
CA PHE B 394 -35.06 -8.66 -40.51
C PHE B 394 -34.67 -8.51 -39.04
N ASP B 395 -35.61 -8.70 -38.11
CA ASP B 395 -35.30 -8.82 -36.70
C ASP B 395 -35.03 -10.26 -36.29
N VAL B 396 -35.60 -11.23 -37.00
CA VAL B 396 -35.40 -12.63 -36.65
C VAL B 396 -34.00 -13.09 -37.03
N GLU B 397 -33.42 -12.52 -38.09
CA GLU B 397 -32.09 -12.90 -38.53
C GLU B 397 -31.03 -11.86 -38.20
N GLY B 398 -31.43 -10.74 -37.59
CA GLY B 398 -30.47 -9.72 -37.19
C GLY B 398 -29.98 -8.83 -38.31
N LEU B 399 -30.52 -8.98 -39.52
CA LEU B 399 -30.17 -8.07 -40.61
C LEU B 399 -30.56 -6.65 -40.22
N LYS B 400 -29.65 -5.70 -40.45
CA LYS B 400 -29.86 -4.32 -40.05
C LYS B 400 -30.06 -3.43 -41.26
N LEU B 401 -30.86 -2.39 -41.08
CA LEU B 401 -31.30 -1.53 -42.18
C LEU B 401 -30.14 -0.63 -42.64
N LYS B 402 -29.77 -0.76 -43.91
CA LYS B 402 -28.76 0.10 -44.51
C LYS B 402 -29.37 1.38 -45.07
N GLN B 403 -30.26 1.24 -46.05
CA GLN B 403 -30.82 2.37 -46.79
C GLN B 403 -32.33 2.23 -46.88
N GLY B 404 -33.05 3.34 -46.72
CA GLY B 404 -34.48 3.36 -46.90
C GLY B 404 -35.27 2.80 -45.73
N ARG B 405 -36.07 1.77 -46.00
CA ARG B 405 -36.89 1.15 -44.96
C ARG B 405 -37.02 -0.33 -45.23
N LEU B 406 -37.63 -1.02 -44.28
CA LEU B 406 -37.91 -2.46 -44.37
C LEU B 406 -39.40 -2.68 -44.59
N LEU B 407 -39.76 -3.94 -44.81
CA LEU B 407 -41.15 -4.29 -45.07
C LEU B 407 -42.05 -3.92 -43.90
N THR B 408 -42.89 -2.92 -44.09
CA THR B 408 -43.83 -2.51 -43.05
C THR B 408 -45.01 -3.48 -43.00
N GLU B 409 -45.97 -3.17 -42.13
CA GLU B 409 -47.15 -4.03 -42.00
C GLU B 409 -48.11 -3.84 -43.17
N ASP B 410 -48.21 -2.62 -43.69
CA ASP B 410 -49.06 -2.38 -44.86
C ASP B 410 -48.62 -3.23 -46.04
N ASP B 411 -47.31 -3.42 -46.21
CA ASP B 411 -46.80 -4.14 -47.37
C ASP B 411 -47.23 -5.60 -47.35
N VAL B 412 -47.26 -6.22 -46.17
CA VAL B 412 -47.62 -7.63 -46.10
C VAL B 412 -49.14 -7.79 -46.17
N ASP B 413 -49.90 -6.79 -45.73
CA ASP B 413 -51.36 -6.89 -45.76
C ASP B 413 -51.89 -6.77 -47.19
N GLN B 414 -51.41 -5.78 -47.93
CA GLN B 414 -51.86 -5.54 -49.29
C GLN B 414 -51.11 -6.34 -50.33
N SER B 415 -50.20 -7.22 -49.92
CA SER B 415 -49.38 -8.00 -50.86
C SER B 415 -48.65 -7.07 -51.83
N ASN B 416 -48.01 -6.04 -51.27
CA ASN B 416 -47.32 -5.06 -52.09
C ASN B 416 -46.21 -5.71 -52.90
N GLN B 417 -45.97 -5.15 -54.08
CA GLN B 417 -44.86 -5.57 -54.92
C GLN B 417 -43.64 -4.70 -54.66
N VAL B 418 -43.17 -4.77 -53.41
CA VAL B 418 -42.00 -4.04 -52.95
C VAL B 418 -40.97 -5.06 -52.49
N VAL B 419 -39.70 -4.75 -52.74
CA VAL B 419 -38.60 -5.68 -52.47
C VAL B 419 -37.55 -4.96 -51.66
N VAL B 420 -36.96 -5.67 -50.69
CA VAL B 420 -35.77 -5.22 -49.98
C VAL B 420 -34.58 -5.98 -50.53
N LEU B 421 -33.50 -5.25 -50.81
CA LEU B 421 -32.36 -5.82 -51.53
C LEU B 421 -31.26 -6.24 -50.56
N ASP B 422 -30.57 -7.32 -50.93
CA ASP B 422 -29.38 -7.75 -50.21
C ASP B 422 -28.22 -6.81 -50.54
N GLU B 423 -27.34 -6.61 -49.56
CA GLU B 423 -26.17 -5.76 -49.76
C GLU B 423 -25.44 -6.14 -51.05
N SER B 424 -25.26 -7.44 -51.28
CA SER B 424 -24.56 -7.89 -52.48
C SER B 424 -25.41 -7.66 -53.73
N ALA B 425 -26.62 -8.21 -53.75
CA ALA B 425 -27.50 -8.05 -54.90
C ALA B 425 -27.87 -6.60 -55.15
N LYS B 426 -27.62 -5.70 -54.20
CA LYS B 426 -27.91 -4.29 -54.42
C LYS B 426 -26.77 -3.60 -55.18
N LYS B 427 -25.53 -3.98 -54.88
CA LYS B 427 -24.40 -3.36 -55.58
C LYS B 427 -24.24 -3.91 -56.99
N ALA B 428 -24.54 -5.20 -57.21
CA ALA B 428 -24.34 -5.79 -58.52
C ALA B 428 -25.31 -5.24 -59.55
N ILE B 429 -26.58 -5.05 -59.17
CA ILE B 429 -27.59 -4.61 -60.13
C ILE B 429 -27.50 -3.12 -60.39
N PHE B 430 -27.33 -2.32 -59.33
CA PHE B 430 -27.31 -0.87 -59.46
C PHE B 430 -25.91 -0.28 -59.37
N ALA B 431 -24.87 -1.11 -59.30
CA ALA B 431 -23.49 -0.64 -59.21
C ALA B 431 -23.39 0.29 -58.00
N ASN B 432 -22.98 1.55 -58.15
CA ASN B 432 -22.84 2.47 -57.04
C ASN B 432 -23.91 3.57 -57.05
N GLU B 433 -25.05 3.31 -57.68
CA GLU B 433 -26.11 4.29 -57.82
C GLU B 433 -27.25 3.97 -56.87
N ASN B 434 -27.92 5.02 -56.39
CA ASN B 434 -29.00 4.89 -55.43
C ASN B 434 -30.11 4.00 -55.98
N PRO B 435 -30.40 2.86 -55.36
CA PRO B 435 -31.49 2.00 -55.85
C PRO B 435 -32.85 2.28 -55.24
N LEU B 436 -32.97 3.31 -54.40
CA LEU B 436 -34.24 3.58 -53.72
C LEU B 436 -35.26 4.10 -54.71
N GLY B 437 -36.37 3.37 -54.85
CA GLY B 437 -37.46 3.78 -55.73
C GLY B 437 -37.48 3.04 -57.05
N LYS B 438 -36.31 2.83 -57.65
CA LYS B 438 -36.24 2.22 -58.96
C LYS B 438 -36.74 0.78 -58.91
N THR B 439 -37.10 0.26 -60.08
CA THR B 439 -37.91 -0.94 -60.20
C THR B 439 -37.09 -2.12 -60.70
N VAL B 440 -37.52 -3.33 -60.31
CA VAL B 440 -37.00 -4.57 -60.87
C VAL B 440 -38.18 -5.42 -61.31
N ILE B 441 -37.89 -6.41 -62.15
CA ILE B 441 -38.91 -7.24 -62.77
C ILE B 441 -38.56 -8.69 -62.48
N PHE B 442 -39.36 -9.34 -61.62
CA PHE B 442 -39.19 -10.75 -61.29
C PHE B 442 -40.34 -11.52 -61.92
N ASN B 443 -40.01 -12.39 -62.88
CA ASN B 443 -41.00 -13.16 -63.63
C ASN B 443 -42.02 -12.22 -64.30
N LYS B 444 -41.49 -11.30 -65.11
CA LYS B 444 -42.29 -10.31 -65.83
C LYS B 444 -43.33 -9.69 -64.89
N ARG B 445 -42.91 -9.33 -63.68
CA ARG B 445 -43.78 -8.73 -62.68
C ARG B 445 -43.01 -7.64 -61.95
N PRO B 446 -43.49 -6.39 -61.93
CA PRO B 446 -42.69 -5.31 -61.34
C PRO B 446 -42.52 -5.46 -59.84
N PHE B 447 -41.48 -4.78 -59.34
CA PHE B 447 -41.23 -4.68 -57.91
C PHE B 447 -40.51 -3.37 -57.64
N ARG B 448 -40.95 -2.65 -56.61
CA ARG B 448 -40.41 -1.33 -56.26
C ARG B 448 -39.43 -1.50 -55.11
N VAL B 449 -38.15 -1.23 -55.37
CA VAL B 449 -37.14 -1.35 -54.33
C VAL B 449 -37.40 -0.31 -53.25
N ILE B 450 -37.37 -0.74 -51.99
CA ILE B 450 -37.69 0.12 -50.87
C ILE B 450 -36.56 0.23 -49.84
N GLY B 451 -35.61 -0.69 -49.83
CA GLY B 451 -34.53 -0.60 -48.86
C GLY B 451 -33.50 -1.70 -49.07
N VAL B 452 -32.38 -1.54 -48.38
CA VAL B 452 -31.28 -2.50 -48.43
C VAL B 452 -30.99 -2.98 -47.01
N VAL B 453 -30.41 -4.16 -46.91
CA VAL B 453 -30.06 -4.78 -45.64
C VAL B 453 -28.70 -5.46 -45.79
N SER B 454 -28.22 -6.03 -44.68
CA SER B 454 -26.91 -6.67 -44.63
C SER B 454 -27.04 -8.17 -44.95
N ASP B 455 -25.91 -8.87 -44.91
CA ASP B 455 -25.84 -10.28 -45.24
C ASP B 455 -25.69 -11.10 -43.95
N GLN B 456 -25.23 -12.33 -44.09
CA GLN B 456 -25.04 -13.22 -42.95
C GLN B 456 -23.56 -13.43 -42.64
N LEU B 466 -28.28 -14.09 -56.42
CA LEU B 466 -28.97 -12.87 -56.02
C LEU B 466 -30.04 -13.18 -54.98
N ASN B 467 -30.18 -12.29 -53.99
CA ASN B 467 -31.13 -12.47 -52.89
C ASN B 467 -32.07 -11.28 -52.83
N LEU B 468 -33.37 -11.56 -52.73
CA LEU B 468 -34.40 -10.54 -52.72
C LEU B 468 -35.41 -10.88 -51.63
N TYR B 469 -35.89 -9.86 -50.91
CA TYR B 469 -36.80 -10.05 -49.78
C TYR B 469 -38.08 -9.27 -50.04
N SER B 470 -39.16 -10.00 -50.29
CA SER B 470 -40.50 -9.44 -50.45
C SER B 470 -41.46 -10.16 -49.53
N PRO B 471 -42.63 -9.58 -49.27
CA PRO B 471 -43.58 -10.21 -48.35
C PRO B 471 -43.99 -11.61 -48.82
N TYR B 472 -44.37 -12.44 -47.86
CA TYR B 472 -44.86 -13.77 -48.19
C TYR B 472 -46.26 -13.72 -48.81
N SER B 473 -47.02 -12.66 -48.53
CA SER B 473 -48.32 -12.50 -49.19
C SER B 473 -48.16 -12.18 -50.66
N THR B 474 -47.09 -11.48 -51.05
CA THR B 474 -46.86 -11.13 -52.44
C THR B 474 -46.27 -12.29 -53.24
N VAL B 475 -45.59 -13.23 -52.58
CA VAL B 475 -45.05 -14.37 -53.30
C VAL B 475 -46.12 -15.45 -53.46
N LEU B 476 -47.07 -15.54 -52.54
CA LEU B 476 -48.14 -16.52 -52.63
C LEU B 476 -49.36 -16.03 -53.39
N ASN B 477 -49.41 -14.75 -53.74
CA ASN B 477 -50.48 -14.20 -54.56
C ASN B 477 -50.03 -13.80 -55.96
N LYS B 478 -48.80 -13.29 -56.09
CA LYS B 478 -48.35 -12.67 -57.33
C LYS B 478 -47.16 -13.36 -57.96
N ILE B 479 -46.72 -14.50 -57.43
CA ILE B 479 -45.50 -15.15 -57.95
C ILE B 479 -45.69 -16.66 -58.08
N THR B 480 -46.34 -17.29 -57.10
CA THR B 480 -46.42 -18.74 -57.07
C THR B 480 -47.85 -19.25 -56.85
N GLY B 481 -48.68 -18.45 -56.20
CA GLY B 481 -50.00 -18.91 -55.85
C GLY B 481 -49.98 -19.86 -54.66
N GLY B 482 -51.11 -20.52 -54.45
CA GLY B 482 -51.25 -21.45 -53.35
C GLY B 482 -51.23 -20.75 -52.01
N SER B 483 -51.73 -21.42 -50.97
CA SER B 483 -51.81 -20.85 -49.63
C SER B 483 -50.83 -21.45 -48.65
N ARG B 484 -50.19 -22.57 -48.98
CA ARG B 484 -49.23 -23.19 -48.09
C ARG B 484 -47.92 -22.43 -48.10
N ILE B 485 -47.32 -22.28 -46.91
CA ILE B 485 -46.05 -21.60 -46.76
C ILE B 485 -44.96 -22.63 -46.51
N GLY B 486 -43.71 -22.20 -46.71
CA GLY B 486 -42.59 -23.10 -46.59
C GLY B 486 -42.31 -23.51 -45.16
N SER B 487 -42.17 -22.53 -44.27
CA SER B 487 -41.78 -22.81 -42.89
C SER B 487 -42.12 -21.60 -42.02
N ILE B 488 -41.91 -21.77 -40.72
CA ILE B 488 -42.06 -20.70 -39.73
C ILE B 488 -40.78 -20.64 -38.92
N THR B 489 -40.24 -19.43 -38.77
CA THR B 489 -39.02 -19.22 -38.01
C THR B 489 -39.29 -18.26 -36.86
N VAL B 490 -38.68 -18.56 -35.70
CA VAL B 490 -38.92 -17.79 -34.49
C VAL B 490 -37.57 -17.44 -33.87
N LYS B 491 -37.53 -16.28 -33.20
CA LYS B 491 -36.33 -15.79 -32.53
C LYS B 491 -36.49 -16.04 -31.03
N ILE B 492 -35.85 -17.10 -30.54
CA ILE B 492 -35.95 -17.46 -29.14
C ILE B 492 -35.27 -16.40 -28.28
N SER B 493 -35.90 -16.05 -27.17
CA SER B 493 -35.39 -14.99 -26.30
C SER B 493 -33.98 -15.31 -25.83
N ASP B 494 -33.31 -14.27 -25.31
CA ASP B 494 -31.93 -14.41 -24.88
C ASP B 494 -31.82 -15.01 -23.48
N ASP B 495 -32.86 -14.85 -22.65
CA ASP B 495 -32.82 -15.34 -21.27
C ASP B 495 -33.31 -16.78 -21.15
N VAL B 496 -34.34 -17.15 -21.91
CA VAL B 496 -34.91 -18.49 -21.79
C VAL B 496 -33.89 -19.53 -22.23
N ASN B 497 -33.98 -20.73 -21.65
CA ASN B 497 -33.04 -21.79 -21.96
C ASN B 497 -33.30 -22.34 -23.36
N SER B 498 -32.22 -22.80 -24.01
CA SER B 498 -32.30 -23.27 -25.38
C SER B 498 -33.12 -24.56 -25.49
N THR B 499 -32.59 -25.65 -24.96
CA THR B 499 -33.25 -26.94 -25.08
C THR B 499 -34.61 -26.97 -24.38
N VAL B 500 -34.92 -25.97 -23.56
CA VAL B 500 -36.26 -25.90 -22.97
C VAL B 500 -37.28 -25.49 -24.03
N ALA B 501 -36.94 -24.51 -24.85
CA ALA B 501 -37.89 -24.03 -25.85
C ALA B 501 -38.09 -25.05 -26.96
N GLU B 502 -37.02 -25.77 -27.34
CA GLU B 502 -37.15 -26.80 -28.36
C GLU B 502 -38.24 -27.81 -28.00
N LYS B 503 -38.48 -28.03 -26.71
CA LYS B 503 -39.56 -28.89 -26.26
C LYS B 503 -40.78 -28.11 -25.79
N SER B 504 -40.66 -26.79 -25.62
CA SER B 504 -41.81 -25.95 -25.32
C SER B 504 -42.53 -25.49 -26.58
N LEU B 505 -41.89 -25.62 -27.74
CA LEU B 505 -42.53 -25.36 -29.03
C LEU B 505 -43.20 -26.62 -29.57
N THR B 506 -42.58 -27.78 -29.37
CA THR B 506 -43.22 -29.04 -29.71
C THR B 506 -44.55 -29.19 -28.99
N GLU B 507 -44.63 -28.70 -27.75
CA GLU B 507 -45.88 -28.78 -26.98
C GLU B 507 -46.86 -27.69 -27.41
N LEU B 508 -46.38 -26.47 -27.60
CA LEU B 508 -47.27 -25.33 -27.80
C LEU B 508 -47.88 -25.28 -29.19
N LEU B 509 -47.27 -25.92 -30.18
CA LEU B 509 -47.86 -25.97 -31.51
C LEU B 509 -48.76 -27.19 -31.70
N LYS B 510 -48.34 -28.35 -31.21
CA LYS B 510 -49.18 -29.54 -31.31
C LYS B 510 -50.53 -29.30 -30.63
N SER B 511 -50.58 -28.39 -29.67
CA SER B 511 -51.84 -28.02 -29.03
C SER B 511 -52.80 -27.44 -30.05
N MET B 521 -35.98 -28.03 -36.08
CA MET B 521 -34.59 -27.63 -36.02
C MET B 521 -34.41 -26.27 -35.36
N ASN B 522 -33.23 -26.05 -34.79
CA ASN B 522 -32.89 -24.74 -34.23
C ASN B 522 -31.38 -24.58 -34.23
N SER B 523 -30.93 -23.35 -34.50
CA SER B 523 -29.53 -22.99 -34.46
C SER B 523 -29.28 -22.10 -33.25
N ASP B 524 -28.31 -22.47 -32.42
CA ASP B 524 -28.08 -21.77 -31.16
C ASP B 524 -26.59 -21.78 -30.81
N THR B 525 -25.73 -21.59 -31.80
CA THR B 525 -24.30 -21.58 -31.52
C THR B 525 -23.86 -20.28 -30.88
N ILE B 526 -24.54 -19.17 -31.17
CA ILE B 526 -24.31 -17.93 -30.44
C ILE B 526 -24.73 -18.09 -28.99
N LYS B 527 -25.95 -18.59 -28.76
CA LYS B 527 -26.44 -18.82 -27.41
C LYS B 527 -25.54 -19.75 -26.62
N GLN B 528 -24.68 -20.52 -27.31
CA GLN B 528 -23.70 -21.35 -26.62
C GLN B 528 -22.45 -20.55 -26.26
N THR B 529 -21.82 -19.92 -27.26
CA THR B 529 -20.62 -19.13 -27.00
C THR B 529 -20.91 -17.94 -26.10
N ILE B 530 -22.17 -17.49 -26.02
CA ILE B 530 -22.55 -16.52 -24.99
C ILE B 530 -22.39 -17.13 -23.61
N GLU B 531 -23.15 -18.20 -23.34
CA GLU B 531 -23.06 -18.86 -22.05
C GLU B 531 -21.67 -19.40 -21.77
N ASN B 532 -20.90 -19.69 -22.83
CA ASN B 532 -19.56 -20.23 -22.64
C ASN B 532 -18.57 -19.14 -22.25
N THR B 533 -18.68 -17.94 -22.85
CA THR B 533 -17.79 -16.85 -22.52
C THR B 533 -18.26 -16.05 -21.31
N THR B 534 -19.52 -16.19 -20.89
CA THR B 534 -19.95 -15.59 -19.63
C THR B 534 -19.37 -16.36 -18.45
N GLY B 535 -19.18 -17.67 -18.59
CA GLY B 535 -18.49 -18.44 -17.58
C GLY B 535 -17.01 -18.12 -17.51
N THR B 536 -16.41 -17.75 -18.65
CA THR B 536 -15.01 -17.33 -18.65
C THR B 536 -14.86 -15.95 -18.03
N MET B 537 -15.69 -14.99 -18.46
CA MET B 537 -15.62 -13.64 -17.91
C MET B 537 -15.93 -13.65 -16.42
N LYS B 538 -16.78 -14.57 -15.96
CA LYS B 538 -17.00 -14.73 -14.53
C LYS B 538 -15.68 -15.07 -13.83
N LEU B 539 -15.03 -16.15 -14.27
CA LEU B 539 -13.80 -16.59 -13.61
C LEU B 539 -12.76 -15.48 -13.62
N LEU B 540 -12.68 -14.70 -14.69
CA LEU B 540 -11.73 -13.60 -14.76
C LEU B 540 -12.04 -12.55 -13.71
N ILE B 541 -13.21 -11.90 -13.82
CA ILE B 541 -13.63 -10.90 -12.84
C ILE B 541 -13.51 -11.47 -11.43
N SER B 542 -13.97 -12.71 -11.25
CA SER B 542 -14.02 -13.30 -9.92
C SER B 542 -12.61 -13.46 -9.34
N SER B 543 -11.64 -13.82 -10.18
CA SER B 543 -10.30 -14.12 -9.70
C SER B 543 -9.36 -12.93 -9.71
N ILE B 544 -9.72 -11.82 -10.37
CA ILE B 544 -8.94 -10.60 -10.25
C ILE B 544 -9.49 -9.70 -9.14
N ALA B 545 -10.79 -9.78 -8.87
CA ALA B 545 -11.34 -9.12 -7.69
C ALA B 545 -10.78 -9.74 -6.41
N PHE B 546 -10.58 -11.06 -6.41
CA PHE B 546 -10.00 -11.72 -5.25
C PHE B 546 -8.58 -11.25 -5.00
N ILE B 547 -7.79 -11.08 -6.06
CA ILE B 547 -6.44 -10.55 -5.90
C ILE B 547 -6.50 -9.14 -5.32
N SER B 548 -7.08 -8.21 -6.07
CA SER B 548 -7.15 -6.81 -5.62
C SER B 548 -7.63 -6.70 -4.19
N LEU B 549 -8.52 -7.60 -3.76
CA LEU B 549 -9.03 -7.55 -2.40
C LEU B 549 -7.98 -8.00 -1.40
N ILE B 550 -7.34 -9.15 -1.65
CA ILE B 550 -6.26 -9.60 -0.79
C ILE B 550 -5.09 -8.63 -0.83
N VAL B 551 -4.89 -7.95 -1.97
CA VAL B 551 -3.82 -6.97 -2.07
C VAL B 551 -4.09 -5.80 -1.14
N GLY B 552 -5.20 -5.09 -1.34
CA GLY B 552 -5.50 -3.92 -0.55
C GLY B 552 -5.67 -4.21 0.93
N GLY B 553 -5.99 -5.44 1.29
CA GLY B 553 -6.08 -5.79 2.70
C GLY B 553 -4.72 -5.85 3.37
N ILE B 554 -3.81 -6.65 2.80
CA ILE B 554 -2.43 -6.67 3.27
C ILE B 554 -1.82 -5.27 3.20
N GLY B 555 -2.38 -4.39 2.37
CA GLY B 555 -1.92 -3.01 2.37
C GLY B 555 -2.34 -2.28 3.64
N VAL B 556 -3.57 -2.48 4.08
CA VAL B 556 -4.03 -1.89 5.33
C VAL B 556 -3.27 -2.50 6.50
N MET B 557 -3.20 -3.83 6.54
CA MET B 557 -2.48 -4.53 7.61
C MET B 557 -1.09 -3.93 7.82
N ASN B 558 -0.30 -3.86 6.76
CA ASN B 558 1.07 -3.35 6.87
C ASN B 558 1.10 -1.97 7.49
N ILE B 559 0.31 -1.03 6.95
CA ILE B 559 0.39 0.34 7.43
C ILE B 559 -0.25 0.47 8.81
N MET B 560 -1.20 -0.40 9.14
CA MET B 560 -1.80 -0.38 10.47
C MET B 560 -0.86 -0.97 11.51
N LEU B 561 -0.31 -2.16 11.23
CA LEU B 561 0.64 -2.78 12.14
C LEU B 561 1.81 -1.87 12.43
N VAL B 562 2.25 -1.09 11.43
CA VAL B 562 3.40 -0.23 11.62
C VAL B 562 3.03 0.99 12.46
N SER B 563 2.04 1.76 12.00
CA SER B 563 1.75 3.04 12.63
C SER B 563 1.22 2.90 14.04
N VAL B 564 0.77 1.71 14.45
CA VAL B 564 0.25 1.50 15.80
C VAL B 564 1.41 1.09 16.70
N THR B 565 2.02 -0.08 16.41
CA THR B 565 3.15 -0.54 17.21
C THR B 565 4.20 0.54 17.38
N GLU B 566 4.24 1.53 16.50
CA GLU B 566 5.15 2.66 16.64
C GLU B 566 4.77 3.59 17.78
N ARG B 567 3.73 3.28 18.55
CA ARG B 567 3.39 4.04 19.74
C ARG B 567 3.12 3.10 20.91
N THR B 568 3.92 2.04 21.04
CA THR B 568 3.83 1.20 22.22
C THR B 568 4.41 1.88 23.45
N LYS B 569 5.36 2.79 23.25
CA LYS B 569 5.84 3.61 24.36
C LYS B 569 4.71 4.46 24.93
N GLU B 570 3.89 5.05 24.05
CA GLU B 570 2.81 5.92 24.50
C GLU B 570 1.86 5.18 25.43
N ILE B 571 1.56 3.91 25.12
CA ILE B 571 0.73 3.11 26.02
C ILE B 571 1.46 2.88 27.34
N GLY B 572 2.75 2.54 27.28
CA GLY B 572 3.50 2.32 28.50
C GLY B 572 3.44 3.50 29.44
N VAL B 573 3.54 4.72 28.90
CA VAL B 573 3.38 5.91 29.73
C VAL B 573 1.97 5.97 30.30
N ARG B 574 0.96 5.84 29.42
CA ARG B 574 -0.43 5.94 29.87
C ARG B 574 -0.73 4.92 30.95
N MET B 575 -0.20 3.69 30.82
CA MET B 575 -0.41 2.69 31.86
C MET B 575 0.30 3.08 33.15
N ALA B 576 1.49 3.67 33.04
CA ALA B 576 2.25 4.04 34.23
C ALA B 576 1.55 5.14 35.02
N ILE B 577 0.76 5.98 34.36
CA ILE B 577 0.15 7.14 34.98
C ILE B 577 -1.30 6.92 35.36
N GLY B 578 -1.78 5.67 35.33
CA GLY B 578 -3.09 5.37 35.87
C GLY B 578 -4.03 4.63 34.95
N ALA B 579 -3.98 4.92 33.65
CA ALA B 579 -4.92 4.34 32.69
C ALA B 579 -5.11 2.85 32.94
N ARG B 580 -6.35 2.39 32.78
CA ARG B 580 -6.66 0.97 32.87
C ARG B 580 -6.52 0.31 31.50
N GLN B 581 -6.39 -1.01 31.52
CA GLN B 581 -6.26 -1.77 30.28
C GLN B 581 -7.34 -1.38 29.27
N ILE B 582 -8.57 -1.20 29.75
CA ILE B 582 -9.68 -0.93 28.84
C ILE B 582 -9.61 0.48 28.29
N ASN B 583 -9.11 1.43 29.08
CA ASN B 583 -8.97 2.81 28.60
C ASN B 583 -8.17 2.86 27.31
N ILE B 584 -7.15 2.00 27.19
CA ILE B 584 -6.32 1.97 25.98
C ILE B 584 -7.14 1.49 24.79
N LEU B 585 -7.79 0.33 24.95
CA LEU B 585 -8.56 -0.25 23.86
C LEU B 585 -9.66 0.69 23.39
N GLN B 586 -10.26 1.45 24.31
CA GLN B 586 -11.29 2.41 23.94
C GLN B 586 -10.79 3.36 22.86
N GLN B 587 -9.73 4.11 23.17
CA GLN B 587 -9.30 5.17 22.26
C GLN B 587 -8.61 4.62 21.01
N PHE B 588 -8.11 3.39 21.04
CA PHE B 588 -7.47 2.83 19.86
C PHE B 588 -8.46 2.15 18.93
N LEU B 589 -9.56 1.61 19.46
CA LEU B 589 -10.69 1.26 18.60
C LEU B 589 -11.29 2.51 17.98
N ILE B 590 -11.59 3.51 18.82
CA ILE B 590 -12.13 4.76 18.32
C ILE B 590 -11.19 5.38 17.28
N GLU B 591 -9.88 5.22 17.48
CA GLU B 591 -8.93 5.73 16.49
C GLU B 591 -9.07 4.98 15.18
N ALA B 592 -9.30 3.67 15.23
CA ALA B 592 -9.41 2.86 14.03
C ALA B 592 -10.70 3.15 13.28
N VAL B 593 -11.85 2.78 13.86
CA VAL B 593 -13.12 2.98 13.18
C VAL B 593 -13.23 4.42 12.68
N LEU B 594 -12.79 5.38 13.50
CA LEU B 594 -12.91 6.78 13.10
C LEU B 594 -12.05 7.08 11.88
N ILE B 595 -10.91 6.40 11.74
CA ILE B 595 -10.06 6.59 10.56
C ILE B 595 -10.42 5.61 9.45
N CYS B 596 -11.15 4.55 9.76
CA CYS B 596 -11.52 3.57 8.74
C CYS B 596 -12.83 3.92 8.04
N LEU B 597 -13.83 4.42 8.76
CA LEU B 597 -15.08 4.81 8.14
C LEU B 597 -15.04 6.24 7.59
N ILE B 598 -13.95 6.97 7.79
CA ILE B 598 -13.69 8.16 6.99
C ILE B 598 -12.94 7.79 5.72
N GLY B 599 -11.96 6.89 5.83
CA GLY B 599 -11.34 6.34 4.64
C GLY B 599 -12.31 5.56 3.78
N GLY B 600 -13.29 4.92 4.41
CA GLY B 600 -14.32 4.21 3.69
C GLY B 600 -15.21 5.15 2.90
N VAL B 601 -15.81 6.13 3.58
CA VAL B 601 -16.58 7.15 2.88
C VAL B 601 -15.77 7.74 1.74
N ALA B 602 -14.55 8.21 2.05
CA ALA B 602 -13.67 8.72 1.01
C ALA B 602 -13.45 7.68 -0.09
N GLY B 603 -13.54 6.40 0.24
CA GLY B 603 -13.34 5.34 -0.72
C GLY B 603 -14.51 5.15 -1.67
N ILE B 604 -15.71 4.96 -1.11
CA ILE B 604 -16.87 4.69 -1.96
C ILE B 604 -17.13 5.85 -2.90
N LEU B 605 -16.80 7.07 -2.49
CA LEU B 605 -17.07 8.24 -3.32
C LEU B 605 -15.84 8.75 -4.06
N LEU B 606 -14.69 8.10 -3.91
CA LEU B 606 -13.57 8.36 -4.82
C LEU B 606 -13.65 7.47 -6.05
N SER B 607 -14.12 6.23 -5.88
CA SER B 607 -14.37 5.36 -7.02
C SER B 607 -15.53 5.87 -7.86
N VAL B 608 -16.53 6.49 -7.22
CA VAL B 608 -17.60 7.17 -7.95
C VAL B 608 -17.00 8.19 -8.90
N LEU B 609 -16.20 9.12 -8.36
CA LEU B 609 -15.55 10.12 -9.19
C LEU B 609 -14.75 9.48 -10.32
N ILE B 610 -14.15 8.31 -10.07
CA ILE B 610 -13.40 7.63 -11.10
C ILE B 610 -14.32 7.09 -12.18
N GLY B 611 -15.48 6.55 -11.78
CA GLY B 611 -16.44 6.09 -12.77
C GLY B 611 -16.89 7.20 -13.70
N VAL B 612 -17.33 8.32 -13.12
CA VAL B 612 -17.71 9.48 -13.91
C VAL B 612 -16.60 9.85 -14.88
N LEU B 613 -15.41 10.10 -14.36
CA LEU B 613 -14.27 10.44 -15.21
C LEU B 613 -14.07 9.40 -16.31
N PHE B 614 -14.24 8.12 -15.98
CA PHE B 614 -14.05 7.06 -16.97
C PHE B 614 -15.17 7.08 -18.00
N ASN B 615 -16.43 7.03 -17.54
CA ASN B 615 -17.55 7.00 -18.46
C ASN B 615 -17.62 8.25 -19.35
N SER B 616 -16.93 9.32 -18.98
CA SER B 616 -16.94 10.54 -19.78
C SER B 616 -15.96 10.45 -20.94
N PHE B 617 -14.68 10.21 -20.64
CA PHE B 617 -13.66 10.18 -21.68
C PHE B 617 -13.68 8.89 -22.48
N ILE B 618 -14.02 7.76 -21.86
CA ILE B 618 -13.95 6.46 -22.51
C ILE B 618 -15.24 6.22 -23.29
N THR B 619 -15.10 5.72 -24.51
CA THR B 619 -16.22 5.45 -25.39
C THR B 619 -16.48 3.96 -25.62
N ASP B 620 -15.44 3.14 -25.60
CA ASP B 620 -15.58 1.71 -25.90
C ASP B 620 -16.68 1.08 -25.05
N PHE B 621 -16.48 1.02 -23.73
CA PHE B 621 -17.50 0.51 -22.84
C PHE B 621 -17.56 1.39 -21.60
N SER B 622 -18.60 1.19 -20.81
CA SER B 622 -18.86 1.98 -19.61
C SER B 622 -18.53 1.16 -18.37
N MET B 623 -18.09 1.87 -17.33
CA MET B 623 -17.76 1.25 -16.05
C MET B 623 -19.04 1.19 -15.21
N ASP B 624 -19.60 -0.02 -15.08
CA ASP B 624 -20.87 -0.21 -14.37
C ASP B 624 -20.57 -0.80 -12.99
N PHE B 625 -21.06 -0.13 -11.95
CA PHE B 625 -20.72 -0.50 -10.59
C PHE B 625 -21.63 -1.60 -10.06
N SER B 626 -21.14 -2.26 -9.01
CA SER B 626 -21.87 -3.35 -8.35
C SER B 626 -21.94 -3.03 -6.85
N THR B 627 -23.15 -2.77 -6.36
CA THR B 627 -23.32 -2.43 -4.95
C THR B 627 -22.89 -3.56 -4.02
N ALA B 628 -22.75 -4.78 -4.54
CA ALA B 628 -22.22 -5.87 -3.73
C ALA B 628 -20.74 -5.68 -3.46
N SER B 629 -19.98 -5.32 -4.49
CA SER B 629 -18.55 -5.06 -4.31
C SER B 629 -18.32 -3.91 -3.34
N ILE B 630 -19.10 -2.83 -3.48
CA ILE B 630 -19.00 -1.72 -2.54
C ILE B 630 -19.06 -2.23 -1.11
N VAL B 631 -20.14 -2.93 -0.77
CA VAL B 631 -20.30 -3.47 0.57
C VAL B 631 -19.11 -4.35 0.94
N THR B 632 -18.84 -5.37 0.12
CA THR B 632 -17.77 -6.31 0.45
C THR B 632 -16.43 -5.61 0.60
N ALA B 633 -16.14 -4.64 -0.29
CA ALA B 633 -14.84 -3.99 -0.24
C ALA B 633 -14.71 -3.10 1.00
N VAL B 634 -15.81 -2.46 1.42
CA VAL B 634 -15.76 -1.61 2.60
C VAL B 634 -15.74 -2.46 3.87
N LEU B 635 -16.71 -3.36 4.03
CA LEU B 635 -16.78 -4.18 5.23
C LEU B 635 -15.54 -5.04 5.42
N PHE B 636 -14.75 -5.24 4.37
CA PHE B 636 -13.52 -6.02 4.49
C PHE B 636 -12.33 -5.15 4.87
N SER B 637 -12.20 -3.98 4.24
CA SER B 637 -11.06 -3.11 4.51
C SER B 637 -11.13 -2.48 5.91
N THR B 638 -12.33 -2.35 6.49
CA THR B 638 -12.44 -1.83 7.84
C THR B 638 -12.41 -2.95 8.87
N LEU B 639 -13.08 -4.07 8.61
CA LEU B 639 -12.99 -5.22 9.49
C LEU B 639 -11.55 -5.69 9.64
N ILE B 640 -10.72 -5.45 8.62
CA ILE B 640 -9.32 -5.82 8.71
C ILE B 640 -8.46 -4.68 9.28
N GLY B 641 -8.82 -3.43 8.99
CA GLY B 641 -8.08 -2.31 9.53
C GLY B 641 -8.36 -2.07 11.00
N VAL B 642 -9.55 -2.47 11.47
CA VAL B 642 -9.87 -2.36 12.89
C VAL B 642 -9.21 -3.50 13.66
N LEU B 643 -9.17 -4.69 13.09
CA LEU B 643 -8.57 -5.83 13.78
C LEU B 643 -7.08 -5.59 14.01
N PHE B 644 -6.40 -4.98 13.05
CA PHE B 644 -4.96 -4.74 13.16
C PHE B 644 -4.62 -3.37 13.76
N GLY B 645 -5.63 -2.59 14.14
CA GLY B 645 -5.40 -1.39 14.92
C GLY B 645 -5.66 -1.64 16.39
N TYR B 646 -6.37 -2.74 16.68
CA TYR B 646 -6.67 -3.16 18.04
C TYR B 646 -5.66 -4.18 18.54
N MET B 647 -5.45 -5.26 17.79
CA MET B 647 -4.53 -6.33 18.20
C MET B 647 -3.21 -5.83 18.76
N PRO B 648 -2.51 -4.88 18.16
CA PRO B 648 -1.20 -4.48 18.68
C PRO B 648 -1.31 -3.62 19.93
N ALA B 649 -2.25 -2.66 19.93
CA ALA B 649 -2.44 -1.82 21.10
C ALA B 649 -2.78 -2.66 22.33
N LYS B 650 -3.55 -3.73 22.14
CA LYS B 650 -3.90 -4.59 23.26
C LYS B 650 -2.67 -5.31 23.81
N LYS B 651 -1.89 -5.92 22.92
CA LYS B 651 -0.70 -6.65 23.36
C LYS B 651 0.27 -5.74 24.12
N ALA B 652 0.28 -4.44 23.77
CA ALA B 652 1.14 -3.50 24.48
C ALA B 652 0.57 -3.15 25.84
N ALA B 653 -0.72 -2.82 25.90
CA ALA B 653 -1.34 -2.43 27.16
C ALA B 653 -1.28 -3.53 28.21
N GLU B 654 -1.05 -4.78 27.81
CA GLU B 654 -0.92 -5.89 28.75
C GLU B 654 0.54 -6.24 29.04
N LEU B 655 1.46 -5.32 28.74
CA LEU B 655 2.87 -5.46 29.11
C LEU B 655 3.15 -4.64 30.35
N ASN B 656 4.15 -5.06 31.11
CA ASN B 656 4.62 -4.26 32.23
C ASN B 656 5.10 -2.91 31.72
N PRO B 657 4.56 -1.78 32.22
CA PRO B 657 4.88 -0.49 31.63
C PRO B 657 6.35 -0.27 31.29
N ILE B 658 7.27 -0.73 32.14
CA ILE B 658 8.69 -0.53 31.86
C ILE B 658 9.11 -1.33 30.64
N THR B 659 8.54 -2.53 30.45
CA THR B 659 8.82 -3.29 29.23
C THR B 659 8.20 -2.62 28.01
N ALA B 660 7.08 -1.93 28.19
CA ALA B 660 6.52 -1.14 27.10
C ALA B 660 7.28 0.15 26.89
N LEU B 661 7.90 0.69 27.94
CA LEU B 661 8.67 1.92 27.87
C LEU B 661 10.09 1.72 27.37
N ALA B 662 10.50 0.48 27.10
CA ALA B 662 11.83 0.18 26.58
C ALA B 662 11.78 -0.28 25.12
N GLN B 663 10.85 0.26 24.35
CA GLN B 663 10.69 -0.12 22.95
C GLN B 663 10.97 1.07 22.04
PG ATP C . 18.36 23.41 31.22
O1G ATP C . 17.05 23.13 31.92
O2G ATP C . 18.82 22.31 30.30
O3G ATP C . 19.43 23.95 32.15
PB ATP C . 18.90 25.11 28.99
O1B ATP C . 19.28 26.57 29.17
O2B ATP C . 19.96 24.07 28.71
O3B ATP C . 18.00 24.65 30.25
PA ATP C . 17.89 25.59 26.35
O1A ATP C . 19.08 26.51 26.26
O2A ATP C . 17.71 24.44 25.38
O3A ATP C . 17.77 25.03 27.85
O5' ATP C . 16.54 26.47 26.33
C5' ATP C . 16.30 27.50 25.38
C4' ATP C . 15.05 28.30 25.73
O4' ATP C . 14.29 28.48 24.54
C3' ATP C . 14.12 27.65 26.76
O3' ATP C . 13.71 28.65 27.70
C2' ATP C . 12.95 27.12 25.97
O2' ATP C . 11.70 27.35 26.65
C1' ATP C . 12.99 27.88 24.65
N9 ATP C . 12.80 26.96 23.50
C8 ATP C . 13.56 25.91 23.19
N7 ATP C . 13.11 25.28 22.08
C5 ATP C . 12.03 25.95 21.65
C6 ATP C . 11.07 25.83 20.54
N6 ATP C . 11.20 24.82 19.64
N1 ATP C . 10.07 26.74 20.46
C2 ATP C . 9.94 27.73 21.35
N3 ATP C . 10.77 27.90 22.39
C4 ATP C . 11.82 27.06 22.60
H5'1 ATP C . 17.17 28.17 25.34
H5'2 ATP C . 16.18 27.05 24.39
H4' ATP C . 15.37 29.27 26.12
H3' ATP C . 14.63 26.82 27.27
HO3' ATP C . 13.12 28.27 28.36
H2' ATP C . 13.09 26.04 25.78
HO2' ATP C . 11.71 26.89 27.49
H1' ATP C . 12.22 28.65 24.66
H8 ATP C . 14.43 25.59 23.76
HN61 ATP C . 10.54 24.74 18.87
HN62 ATP C . 11.95 24.16 19.72
H2 ATP C . 9.11 28.43 21.22
MG MG D . 20.37 21.86 28.84
PG ATP E . 21.30 5.45 37.74
O1G ATP E . 19.89 5.58 37.24
O2G ATP E . 21.63 6.38 38.88
O3G ATP E . 22.35 5.41 36.65
PB ATP E . 20.13 3.03 38.71
O1B ATP E . 18.82 3.73 38.38
O2B ATP E . 20.33 2.46 40.09
O3B ATP E . 21.39 3.97 38.39
PA ATP E . 19.09 0.86 37.28
O1A ATP E . 18.30 1.54 36.19
O2A ATP E . 18.43 0.41 38.55
O3A ATP E . 20.32 1.81 37.68
O5' ATP E . 19.89 -0.39 36.63
C5' ATP E . 19.99 -1.62 37.34
C4' ATP E . 20.96 -2.56 36.68
O4' ATP E . 20.25 -3.51 35.87
C3' ATP E . 22.00 -1.90 35.78
O3' ATP E . 23.28 -2.36 36.21
C2' ATP E . 21.68 -2.37 34.37
O2' ATP E . 22.87 -2.66 33.65
C1' ATP E . 20.84 -3.62 34.57
N9 ATP E . 19.76 -3.75 33.57
C8 ATP E . 18.68 -2.93 33.47
N7 ATP E . 17.89 -3.33 32.45
C5 ATP E . 18.45 -4.41 31.88
C6 ATP E . 18.12 -5.31 30.76
N6 ATP E . 17.00 -5.12 30.02
N1 ATP E . 18.98 -6.32 30.49
C2 ATP E . 20.10 -6.52 31.21
N3 ATP E . 20.46 -5.74 32.25
C4 ATP E . 19.69 -4.69 32.62
H5'1 ATP E . 20.30 -1.43 38.37
H5'2 ATP E . 19.00 -2.08 37.38
H4' ATP E . 21.50 -3.11 37.47
H3' ATP E . 21.91 -0.81 35.85
HO3' ATP E . 23.96 -1.96 35.66
H2' ATP E . 21.08 -1.60 33.86
HO2' ATP E . 23.40 -1.85 33.58
H1' ATP E . 21.50 -4.50 34.53
H8 ATP E . 18.49 -2.09 34.12
HN61 ATP E . 16.78 -5.75 29.26
HN62 ATP E . 16.37 -4.37 30.24
H2 ATP E . 20.75 -7.34 30.95
MG MG F . 18.02 5.42 37.48
#